data_2MV7
#
_entry.id   2MV7
#
loop_
_entity.id
_entity.type
_entity.pdbx_description
1 polymer 'Protein AF-9'
2 polymer 'Histone-lysine N-methyltransferase, H3 lysine-79 specific'
#
loop_
_entity_poly.entity_id
_entity_poly.type
_entity_poly.pdbx_seq_one_letter_code
_entity_poly.pdbx_strand_id
1 'polypeptide(L)' DKAYLDELVELHRRLMTLRERHILQQIVNLIEETGHFHITNTTFDFDLCSLDKTTVRKLQSYLETSGTS A
2 'polypeptide(L)' TNKLPVSIPLASVVLPSRAERARST B
#
# COMPACT_ATOMS: atom_id res chain seq x y z
N ASP A 1 8.55 21.46 2.86
CA ASP A 1 8.77 20.00 2.68
C ASP A 1 8.07 19.25 3.81
N LYS A 2 7.50 19.99 4.75
CA LYS A 2 6.81 19.38 5.87
C LYS A 2 5.41 18.91 5.45
N ALA A 3 5.06 19.20 4.21
CA ALA A 3 3.74 18.81 3.69
C ALA A 3 3.74 17.33 3.30
N TYR A 4 4.83 16.90 2.68
CA TYR A 4 4.95 15.50 2.26
C TYR A 4 4.50 14.56 3.37
N LEU A 5 5.18 14.62 4.51
CA LEU A 5 4.84 13.76 5.64
C LEU A 5 3.32 13.73 5.83
N ASP A 6 2.72 14.91 5.92
CA ASP A 6 1.28 15.01 6.11
C ASP A 6 0.55 14.08 5.16
N GLU A 7 0.89 14.16 3.87
CA GLU A 7 0.27 13.32 2.86
C GLU A 7 0.31 11.85 3.27
N LEU A 8 1.30 11.52 4.11
CA LEU A 8 1.44 10.14 4.59
C LEU A 8 0.57 9.90 5.81
N VAL A 9 0.56 10.86 6.73
CA VAL A 9 -0.24 10.72 7.94
C VAL A 9 -1.72 10.51 7.60
N GLU A 10 -2.31 11.48 6.91
CA GLU A 10 -3.71 11.39 6.53
C GLU A 10 -3.98 10.02 5.87
N LEU A 11 -3.21 9.70 4.85
CA LEU A 11 -3.38 8.42 4.17
C LEU A 11 -3.26 7.29 5.18
N HIS A 12 -2.18 7.31 5.95
CA HIS A 12 -1.95 6.28 6.95
C HIS A 12 -3.17 6.12 7.86
N ARG A 13 -3.57 7.22 8.50
CA ARG A 13 -4.73 7.19 9.38
C ARG A 13 -5.94 6.60 8.67
N ARG A 14 -6.26 7.15 7.50
CA ARG A 14 -7.40 6.68 6.73
C ARG A 14 -7.26 5.19 6.40
N LEU A 15 -6.07 4.80 5.96
CA LEU A 15 -5.81 3.40 5.62
C LEU A 15 -6.09 2.48 6.81
N MET A 16 -5.67 2.93 7.99
CA MET A 16 -5.86 2.13 9.20
C MET A 16 -7.31 1.76 9.41
N THR A 17 -8.22 2.69 9.11
CA THR A 17 -9.65 2.44 9.27
C THR A 17 -10.24 1.92 7.97
N LEU A 18 -9.59 2.25 6.86
CA LEU A 18 -10.08 1.82 5.56
C LEU A 18 -10.31 0.32 5.52
N ARG A 19 -11.43 -0.10 4.93
CA ARG A 19 -11.77 -1.52 4.82
C ARG A 19 -12.04 -1.90 3.38
N GLU A 20 -12.31 -0.88 2.55
CA GLU A 20 -12.59 -1.11 1.14
C GLU A 20 -11.56 -2.07 0.55
N ARG A 21 -11.89 -3.36 0.52
CA ARG A 21 -10.98 -4.36 -0.02
C ARG A 21 -10.65 -4.08 -1.48
N HIS A 22 -11.55 -3.36 -2.15
CA HIS A 22 -11.36 -3.03 -3.56
C HIS A 22 -10.09 -2.20 -3.75
N ILE A 23 -9.78 -1.36 -2.76
CA ILE A 23 -8.60 -0.50 -2.83
C ILE A 23 -7.36 -1.25 -2.31
N LEU A 24 -7.48 -1.84 -1.12
CA LEU A 24 -6.36 -2.56 -0.53
C LEU A 24 -5.73 -3.50 -1.56
N GLN A 25 -6.52 -3.97 -2.51
CA GLN A 25 -6.00 -4.86 -3.53
C GLN A 25 -5.19 -4.08 -4.56
N GLN A 26 -5.71 -2.92 -4.94
CA GLN A 26 -5.03 -2.07 -5.92
C GLN A 26 -3.71 -1.55 -5.35
N ILE A 27 -3.77 -0.92 -4.19
CA ILE A 27 -2.58 -0.38 -3.56
C ILE A 27 -1.53 -1.46 -3.39
N VAL A 28 -1.89 -2.52 -2.66
CA VAL A 28 -0.97 -3.62 -2.41
C VAL A 28 -0.20 -3.98 -3.69
N ASN A 29 -0.94 -4.43 -4.70
CA ASN A 29 -0.33 -4.80 -5.98
C ASN A 29 0.57 -3.68 -6.50
N LEU A 30 0.31 -2.45 -6.08
CA LEU A 30 1.11 -1.32 -6.55
C LEU A 30 2.49 -1.33 -5.88
N ILE A 31 2.50 -1.19 -4.57
CA ILE A 31 3.75 -1.17 -3.82
C ILE A 31 4.41 -2.55 -3.80
N GLU A 32 3.64 -3.55 -4.19
CA GLU A 32 4.15 -4.91 -4.24
C GLU A 32 5.06 -5.07 -5.45
N GLU A 33 4.57 -4.63 -6.61
CA GLU A 33 5.34 -4.72 -7.85
C GLU A 33 6.64 -3.91 -7.72
N THR A 34 6.59 -2.87 -6.91
CA THR A 34 7.77 -2.02 -6.71
C THR A 34 8.84 -2.77 -5.93
N GLY A 35 8.45 -3.39 -4.83
CA GLY A 35 9.38 -4.16 -3.99
C GLY A 35 9.54 -3.51 -2.61
N HIS A 36 9.03 -2.29 -2.47
CA HIS A 36 9.13 -1.57 -1.20
C HIS A 36 8.16 -2.13 -0.17
N PHE A 37 8.24 -3.43 0.10
CA PHE A 37 7.35 -4.06 1.08
C PHE A 37 8.06 -5.22 1.80
N HIS A 38 7.55 -5.58 2.97
CA HIS A 38 8.11 -6.67 3.76
C HIS A 38 6.99 -7.49 4.39
N ILE A 39 6.68 -8.63 3.77
CA ILE A 39 5.64 -9.52 4.29
C ILE A 39 6.22 -10.42 5.38
N THR A 40 5.49 -10.54 6.49
CA THR A 40 5.94 -11.36 7.62
C THR A 40 5.27 -12.73 7.60
N ASN A 41 5.26 -13.39 8.74
CA ASN A 41 4.66 -14.72 8.85
C ASN A 41 3.35 -14.77 8.07
N THR A 42 2.35 -14.04 8.55
CA THR A 42 1.04 -14.01 7.87
C THR A 42 0.40 -12.63 8.02
N THR A 43 0.90 -11.67 7.25
CA THR A 43 0.37 -10.31 7.26
C THR A 43 1.05 -9.51 6.16
N PHE A 44 0.49 -8.35 5.84
CA PHE A 44 1.06 -7.48 4.80
C PHE A 44 1.33 -6.10 5.35
N ASP A 45 2.60 -5.84 5.68
CA ASP A 45 3.00 -4.55 6.24
C ASP A 45 3.75 -3.72 5.21
N PHE A 46 3.50 -2.41 5.22
CA PHE A 46 4.16 -1.50 4.28
C PHE A 46 4.22 -0.10 4.88
N ASP A 47 5.25 0.68 4.53
CA ASP A 47 5.38 2.04 5.05
C ASP A 47 4.99 3.05 3.97
N LEU A 48 4.27 4.10 4.40
CA LEU A 48 3.82 5.13 3.46
C LEU A 48 5.01 5.99 3.02
N CYS A 49 6.06 5.99 3.83
CA CYS A 49 7.25 6.78 3.52
C CYS A 49 8.10 6.07 2.46
N SER A 50 7.75 4.83 2.17
CA SER A 50 8.48 4.04 1.18
C SER A 50 7.87 4.21 -0.21
N LEU A 51 6.89 5.10 -0.32
CA LEU A 51 6.22 5.35 -1.59
C LEU A 51 7.07 6.26 -2.46
N ASP A 52 6.97 6.09 -3.77
CA ASP A 52 7.72 6.92 -4.72
C ASP A 52 6.87 8.12 -5.14
N LYS A 53 7.52 9.26 -5.30
CA LYS A 53 6.81 10.49 -5.68
C LYS A 53 5.75 10.19 -6.75
N THR A 54 6.17 9.58 -7.84
CA THR A 54 5.24 9.25 -8.92
C THR A 54 4.23 8.20 -8.46
N THR A 55 4.60 7.44 -7.44
CA THR A 55 3.72 6.41 -6.90
C THR A 55 2.78 6.99 -5.86
N VAL A 56 3.16 8.11 -5.26
CA VAL A 56 2.34 8.75 -4.24
C VAL A 56 1.10 9.38 -4.88
N ARG A 57 1.30 9.98 -6.05
CA ARG A 57 0.19 10.59 -6.77
C ARG A 57 -0.82 9.52 -7.16
N LYS A 58 -0.32 8.29 -7.35
CA LYS A 58 -1.19 7.17 -7.73
C LYS A 58 -1.79 6.54 -6.47
N LEU A 59 -1.07 6.68 -5.35
CA LEU A 59 -1.53 6.11 -4.09
C LEU A 59 -2.72 6.91 -3.56
N GLN A 60 -2.57 8.23 -3.53
CA GLN A 60 -3.62 9.11 -3.03
C GLN A 60 -4.82 9.10 -3.97
N SER A 61 -4.58 8.83 -5.25
CA SER A 61 -5.66 8.79 -6.23
C SER A 61 -6.63 7.64 -5.93
N TYR A 62 -6.08 6.45 -5.72
CA TYR A 62 -6.91 5.28 -5.44
C TYR A 62 -7.96 5.60 -4.37
N LEU A 63 -7.53 6.05 -3.21
CA LEU A 63 -8.46 6.38 -2.14
C LEU A 63 -9.45 7.44 -2.60
N GLU A 64 -8.98 8.36 -3.44
CA GLU A 64 -9.85 9.43 -3.94
C GLU A 64 -10.75 8.91 -5.05
N THR A 65 -11.35 7.75 -4.82
CA THR A 65 -12.25 7.15 -5.81
C THR A 65 -13.28 8.17 -6.29
N SER A 66 -14.16 7.75 -7.17
CA SER A 66 -15.20 8.63 -7.70
C SER A 66 -16.28 7.84 -8.41
N GLY A 67 -16.98 8.50 -9.33
CA GLY A 67 -18.04 7.83 -10.08
C GLY A 67 -18.40 8.63 -11.34
N THR A 68 -17.95 8.13 -12.48
CA THR A 68 -18.23 8.80 -13.75
C THR A 68 -19.64 8.51 -14.21
N SER A 69 -20.48 9.55 -14.24
CA SER A 69 -21.86 9.39 -14.66
C SER A 69 -22.54 10.75 -14.82
N THR B 1 9.02 9.90 14.04
CA THR B 1 8.56 8.59 13.49
C THR B 1 8.33 8.73 11.98
N ASN B 2 9.42 8.84 11.24
CA ASN B 2 9.34 8.97 9.79
C ASN B 2 8.94 7.65 9.14
N LYS B 3 8.02 6.94 9.79
CA LYS B 3 7.55 5.66 9.28
C LYS B 3 6.10 5.42 9.72
N LEU B 4 5.31 4.84 8.82
CA LEU B 4 3.91 4.55 9.09
C LEU B 4 3.59 3.12 8.66
N PRO B 5 3.78 2.15 9.50
CA PRO B 5 3.51 0.74 9.12
C PRO B 5 2.01 0.43 9.15
N VAL B 6 1.51 -0.18 8.08
CA VAL B 6 0.10 -0.57 7.98
C VAL B 6 -0.01 -2.05 7.66
N SER B 7 -0.55 -2.81 8.61
CA SER B 7 -0.70 -4.25 8.42
C SER B 7 -2.09 -4.60 7.87
N ILE B 8 -2.15 -5.38 6.79
CA ILE B 8 -3.44 -5.76 6.20
C ILE B 8 -3.56 -7.29 6.13
N PRO B 9 -4.46 -7.91 6.86
CA PRO B 9 -4.62 -9.39 6.82
C PRO B 9 -4.58 -9.93 5.39
N LEU B 10 -3.66 -10.84 5.13
CA LEU B 10 -3.53 -11.42 3.80
C LEU B 10 -4.85 -12.04 3.35
N ALA B 11 -5.76 -12.21 4.30
CA ALA B 11 -7.07 -12.76 4.01
C ALA B 11 -7.95 -11.69 3.38
N SER B 12 -7.61 -10.43 3.63
CA SER B 12 -8.37 -9.31 3.10
C SER B 12 -7.93 -8.95 1.69
N VAL B 13 -6.73 -9.41 1.31
CA VAL B 13 -6.18 -9.13 -0.01
C VAL B 13 -5.54 -10.39 -0.58
N VAL B 14 -4.84 -10.21 -1.70
CA VAL B 14 -4.14 -11.32 -2.35
C VAL B 14 -2.79 -10.87 -2.87
N LEU B 15 -1.73 -11.49 -2.35
CA LEU B 15 -0.37 -11.15 -2.76
C LEU B 15 0.08 -12.06 -3.92
N PRO B 16 0.43 -11.52 -5.07
CA PRO B 16 0.86 -12.34 -6.24
C PRO B 16 2.31 -12.80 -6.10
N SER B 17 2.52 -13.97 -5.52
CA SER B 17 3.86 -14.50 -5.33
C SER B 17 3.82 -16.00 -5.09
N ARG B 18 3.07 -16.71 -5.93
CA ARG B 18 2.96 -18.16 -5.79
C ARG B 18 4.18 -18.85 -6.37
N ALA B 19 4.15 -19.12 -7.67
CA ALA B 19 5.26 -19.78 -8.35
C ALA B 19 6.31 -18.75 -8.77
N GLU B 20 6.97 -18.15 -7.79
CA GLU B 20 8.00 -17.15 -8.08
C GLU B 20 9.10 -17.74 -8.95
N ARG B 21 9.70 -16.90 -9.79
CA ARG B 21 10.76 -17.35 -10.68
C ARG B 21 12.05 -17.60 -9.89
N ALA B 22 12.57 -16.53 -9.28
CA ALA B 22 13.79 -16.64 -8.50
C ALA B 22 13.99 -15.41 -7.63
N ARG B 23 14.52 -15.61 -6.43
CA ARG B 23 14.76 -14.50 -5.51
C ARG B 23 15.96 -13.67 -5.97
N SER B 24 17.15 -14.28 -5.88
CA SER B 24 18.37 -13.59 -6.29
C SER B 24 18.51 -12.26 -5.54
N THR B 25 18.78 -12.34 -4.25
CA THR B 25 18.95 -11.14 -3.43
C THR B 25 17.72 -10.24 -3.56
N ASP A 1 9.18 21.47 4.08
CA ASP A 1 9.11 20.13 3.42
C ASP A 1 8.32 19.18 4.30
N LYS A 2 7.64 19.73 5.30
CA LYS A 2 6.84 18.91 6.21
C LYS A 2 5.54 18.50 5.55
N ALA A 3 5.26 19.08 4.39
CA ALA A 3 4.03 18.77 3.66
C ALA A 3 3.99 17.29 3.28
N TYR A 4 5.05 16.81 2.66
CA TYR A 4 5.12 15.41 2.24
C TYR A 4 4.64 14.50 3.36
N LEU A 5 5.35 14.53 4.49
CA LEU A 5 4.99 13.69 5.63
C LEU A 5 3.48 13.74 5.87
N ASP A 6 2.93 14.95 5.93
CA ASP A 6 1.50 15.13 6.16
C ASP A 6 0.69 14.26 5.20
N GLU A 7 1.10 14.23 3.94
CA GLU A 7 0.39 13.44 2.95
C GLU A 7 0.40 11.96 3.34
N LEU A 8 1.39 11.57 4.15
CA LEU A 8 1.51 10.20 4.59
C LEU A 8 0.63 9.95 5.82
N VAL A 9 0.68 10.87 6.78
CA VAL A 9 -0.12 10.73 7.98
C VAL A 9 -1.60 10.53 7.65
N GLU A 10 -2.16 11.48 6.92
CA GLU A 10 -3.57 11.40 6.53
C GLU A 10 -3.85 10.05 5.87
N LEU A 11 -3.06 9.72 4.85
CA LEU A 11 -3.24 8.45 4.15
C LEU A 11 -3.17 7.32 5.17
N HIS A 12 -2.10 7.29 5.94
CA HIS A 12 -1.94 6.27 6.96
C HIS A 12 -3.19 6.14 7.81
N ARG A 13 -3.58 7.25 8.41
CA ARG A 13 -4.77 7.28 9.25
C ARG A 13 -5.97 6.69 8.51
N ARG A 14 -6.25 7.25 7.34
CA ARG A 14 -7.38 6.77 6.54
C ARG A 14 -7.23 5.29 6.19
N LEU A 15 -5.99 4.89 5.92
CA LEU A 15 -5.72 3.50 5.57
C LEU A 15 -6.02 2.58 6.75
N MET A 16 -5.56 2.97 7.93
CA MET A 16 -5.77 2.18 9.13
C MET A 16 -7.24 1.82 9.30
N THR A 17 -8.12 2.77 9.00
CA THR A 17 -9.55 2.53 9.13
C THR A 17 -10.13 1.97 7.83
N LEU A 18 -9.44 2.23 6.72
CA LEU A 18 -9.90 1.75 5.43
C LEU A 18 -10.15 0.25 5.48
N ARG A 19 -11.27 -0.17 4.89
CA ARG A 19 -11.63 -1.59 4.86
C ARG A 19 -12.13 -1.98 3.46
N GLU A 20 -12.08 -1.02 2.55
CA GLU A 20 -12.53 -1.27 1.18
C GLU A 20 -11.54 -2.18 0.45
N ARG A 21 -11.68 -3.48 0.64
CA ARG A 21 -10.78 -4.44 0.00
C ARG A 21 -10.51 -4.06 -1.44
N HIS A 22 -11.46 -3.40 -2.08
CA HIS A 22 -11.31 -2.99 -3.47
C HIS A 22 -10.02 -2.19 -3.65
N ILE A 23 -9.77 -1.26 -2.73
CA ILE A 23 -8.56 -0.44 -2.80
C ILE A 23 -7.36 -1.21 -2.25
N LEU A 24 -7.52 -1.78 -1.06
CA LEU A 24 -6.44 -2.54 -0.44
C LEU A 24 -5.81 -3.50 -1.45
N GLN A 25 -6.59 -3.93 -2.43
CA GLN A 25 -6.08 -4.85 -3.44
C GLN A 25 -5.26 -4.11 -4.48
N GLN A 26 -5.77 -2.95 -4.91
CA GLN A 26 -5.09 -2.14 -5.91
C GLN A 26 -3.76 -1.64 -5.38
N ILE A 27 -3.79 -1.01 -4.22
CA ILE A 27 -2.59 -0.47 -3.59
C ILE A 27 -1.55 -1.58 -3.40
N VAL A 28 -1.92 -2.60 -2.63
CA VAL A 28 -1.01 -3.70 -2.35
C VAL A 28 -0.23 -4.09 -3.62
N ASN A 29 -0.96 -4.46 -4.67
CA ASN A 29 -0.34 -4.86 -5.92
C ASN A 29 0.46 -3.71 -6.52
N LEU A 30 0.13 -2.48 -6.13
CA LEU A 30 0.82 -1.31 -6.67
C LEU A 30 2.26 -1.27 -6.15
N ILE A 31 2.41 -1.17 -4.83
CA ILE A 31 3.73 -1.11 -4.24
C ILE A 31 4.47 -2.42 -4.41
N GLU A 32 3.80 -3.53 -4.09
CA GLU A 32 4.40 -4.85 -4.22
C GLU A 32 5.22 -4.92 -5.51
N GLU A 33 4.64 -4.39 -6.59
CA GLU A 33 5.31 -4.37 -7.87
C GLU A 33 6.59 -3.54 -7.78
N THR A 34 6.51 -2.40 -7.10
CA THR A 34 7.65 -1.53 -6.92
C THR A 34 8.69 -2.17 -6.00
N GLY A 35 8.23 -2.57 -4.81
CA GLY A 35 9.07 -3.19 -3.81
C GLY A 35 8.90 -2.47 -2.48
N HIS A 36 9.93 -2.54 -1.66
CA HIS A 36 9.92 -1.89 -0.36
C HIS A 36 8.80 -2.42 0.54
N PHE A 37 8.83 -3.73 0.78
CA PHE A 37 7.81 -4.36 1.63
C PHE A 37 8.41 -5.54 2.38
N HIS A 38 7.78 -5.90 3.49
CA HIS A 38 8.23 -7.03 4.31
C HIS A 38 7.04 -7.90 4.72
N ILE A 39 6.77 -8.93 3.93
CA ILE A 39 5.67 -9.85 4.22
C ILE A 39 6.19 -11.04 5.03
N THR A 40 5.51 -11.34 6.13
CA THR A 40 5.91 -12.44 7.00
C THR A 40 4.70 -13.07 7.67
N ASN A 41 4.91 -14.23 8.32
CA ASN A 41 3.83 -14.92 8.99
C ASN A 41 2.58 -14.91 8.13
N THR A 42 1.66 -14.00 8.43
CA THR A 42 0.43 -13.87 7.67
C THR A 42 -0.09 -12.44 7.74
N THR A 43 0.56 -11.54 7.01
CA THR A 43 0.15 -10.14 6.99
C THR A 43 0.99 -9.38 5.95
N PHE A 44 0.54 -8.18 5.58
CA PHE A 44 1.24 -7.35 4.62
C PHE A 44 1.50 -5.97 5.22
N ASP A 45 2.75 -5.72 5.63
CA ASP A 45 3.13 -4.44 6.22
C ASP A 45 3.93 -3.60 5.24
N PHE A 46 3.69 -2.30 5.26
CA PHE A 46 4.40 -1.38 4.37
C PHE A 46 4.42 0.02 4.98
N ASP A 47 5.45 0.80 4.67
CA ASP A 47 5.54 2.17 5.19
C ASP A 47 5.10 3.17 4.11
N LEU A 48 4.42 4.24 4.53
CA LEU A 48 3.95 5.24 3.59
C LEU A 48 5.08 6.15 3.15
N CYS A 49 6.22 6.06 3.84
CA CYS A 49 7.38 6.88 3.50
C CYS A 49 8.22 6.20 2.44
N SER A 50 7.89 4.95 2.14
CA SER A 50 8.62 4.18 1.14
C SER A 50 8.01 4.40 -0.25
N LEU A 51 7.01 5.28 -0.31
CA LEU A 51 6.35 5.58 -1.59
C LEU A 51 7.12 6.67 -2.34
N ASP A 52 6.95 6.71 -3.66
CA ASP A 52 7.62 7.72 -4.49
C ASP A 52 6.62 8.80 -4.88
N LYS A 53 7.11 9.99 -5.16
CA LYS A 53 6.22 11.09 -5.53
C LYS A 53 5.36 10.70 -6.72
N THR A 54 5.92 9.89 -7.61
CA THR A 54 5.17 9.44 -8.78
C THR A 54 4.21 8.32 -8.40
N THR A 55 4.57 7.57 -7.36
CA THR A 55 3.74 6.46 -6.90
C THR A 55 2.69 6.95 -5.90
N VAL A 56 2.98 8.06 -5.24
CA VAL A 56 2.06 8.63 -4.27
C VAL A 56 0.83 9.18 -4.97
N ARG A 57 1.02 9.65 -6.20
CA ARG A 57 -0.07 10.21 -6.97
C ARG A 57 -1.02 9.11 -7.43
N LYS A 58 -0.48 7.92 -7.65
CA LYS A 58 -1.28 6.78 -8.09
C LYS A 58 -1.94 6.10 -6.90
N LEU A 59 -1.30 6.23 -5.74
CA LEU A 59 -1.81 5.62 -4.51
C LEU A 59 -2.94 6.46 -3.92
N GLN A 60 -2.69 7.76 -3.80
CA GLN A 60 -3.70 8.65 -3.24
C GLN A 60 -4.97 8.65 -4.09
N SER A 61 -4.80 8.40 -5.39
CA SER A 61 -5.93 8.38 -6.31
C SER A 61 -6.89 7.23 -5.98
N TYR A 62 -6.35 6.02 -5.86
CA TYR A 62 -7.18 4.85 -5.57
C TYR A 62 -8.17 5.16 -4.45
N LEU A 63 -7.89 6.21 -3.67
CA LEU A 63 -8.75 6.59 -2.57
C LEU A 63 -9.93 7.43 -3.07
N GLU A 64 -9.62 8.55 -3.72
CA GLU A 64 -10.64 9.44 -4.24
C GLU A 64 -11.50 8.72 -5.27
N THR A 65 -11.00 7.57 -5.73
CA THR A 65 -11.72 6.78 -6.72
C THR A 65 -12.26 7.67 -7.83
N SER A 66 -11.43 8.58 -8.32
CA SER A 66 -11.82 9.50 -9.37
C SER A 66 -13.13 10.20 -9.01
N GLY A 67 -13.52 11.16 -9.83
CA GLY A 67 -14.75 11.91 -9.58
C GLY A 67 -14.95 12.99 -10.63
N THR A 68 -15.32 12.59 -11.84
CA THR A 68 -15.53 13.54 -12.93
C THR A 68 -14.40 14.55 -12.99
N SER A 69 -13.20 14.12 -12.63
CA SER A 69 -12.03 14.99 -12.65
C SER A 69 -10.74 14.18 -12.66
N THR B 1 9.77 6.82 15.57
CA THR B 1 9.48 6.03 14.34
C THR B 1 9.06 6.99 13.23
N ASN B 2 10.01 7.40 12.41
CA ASN B 2 9.74 8.32 11.31
C ASN B 2 9.11 7.57 10.13
N LYS B 3 8.25 6.61 10.44
CA LYS B 3 7.57 5.82 9.42
C LYS B 3 6.12 5.60 9.81
N LEU B 4 5.39 4.90 8.96
CA LEU B 4 3.98 4.61 9.19
C LEU B 4 3.68 3.17 8.77
N PRO B 5 3.85 2.21 9.63
CA PRO B 5 3.60 0.80 9.27
C PRO B 5 2.11 0.47 9.27
N VAL B 6 1.63 -0.15 8.20
CA VAL B 6 0.21 -0.53 8.08
C VAL B 6 0.11 -2.00 7.67
N SER B 7 -0.35 -2.84 8.58
CA SER B 7 -0.49 -4.27 8.32
C SER B 7 -1.90 -4.60 7.85
N ILE B 8 -2.01 -5.34 6.74
CA ILE B 8 -3.33 -5.72 6.21
C ILE B 8 -3.44 -7.26 6.11
N PRO B 9 -4.31 -7.89 6.89
CA PRO B 9 -4.46 -9.37 6.84
C PRO B 9 -4.49 -9.90 5.40
N LEU B 10 -3.71 -10.94 5.15
CA LEU B 10 -3.64 -11.53 3.82
C LEU B 10 -4.99 -12.11 3.41
N ALA B 11 -5.89 -12.24 4.38
CA ALA B 11 -7.22 -12.76 4.11
C ALA B 11 -8.06 -11.67 3.44
N SER B 12 -7.73 -10.41 3.74
CA SER B 12 -8.48 -9.28 3.19
C SER B 12 -7.97 -8.90 1.81
N VAL B 13 -6.82 -9.44 1.42
CA VAL B 13 -6.23 -9.14 0.12
C VAL B 13 -5.59 -10.40 -0.46
N VAL B 14 -4.87 -10.21 -1.57
CA VAL B 14 -4.18 -11.32 -2.23
C VAL B 14 -2.83 -10.87 -2.74
N LEU B 15 -1.79 -11.58 -2.31
CA LEU B 15 -0.43 -11.28 -2.71
C LEU B 15 -0.16 -11.84 -4.11
N PRO B 16 0.67 -11.20 -4.90
CA PRO B 16 1.00 -11.68 -6.27
C PRO B 16 1.92 -12.90 -6.24
N SER B 17 1.34 -14.08 -6.33
CA SER B 17 2.11 -15.32 -6.31
C SER B 17 3.29 -15.23 -7.27
N ARG B 18 3.06 -15.61 -8.53
CA ARG B 18 4.11 -15.57 -9.53
C ARG B 18 5.39 -16.22 -8.99
N ALA B 19 5.35 -17.54 -8.83
CA ALA B 19 6.51 -18.27 -8.32
C ALA B 19 6.38 -19.75 -8.62
N GLU B 20 6.22 -20.08 -9.90
CA GLU B 20 6.09 -21.48 -10.30
C GLU B 20 7.36 -22.27 -9.98
N ARG B 21 7.23 -23.58 -9.93
CA ARG B 21 8.38 -24.43 -9.63
C ARG B 21 8.02 -25.91 -9.84
N ALA B 22 8.32 -26.74 -8.84
CA ALA B 22 8.03 -28.16 -8.94
C ALA B 22 8.00 -28.79 -7.54
N ARG B 23 6.81 -28.92 -6.98
CA ARG B 23 6.66 -29.51 -5.65
C ARG B 23 6.87 -31.02 -5.71
N SER B 24 8.09 -31.46 -5.42
CA SER B 24 8.41 -32.88 -5.44
C SER B 24 7.84 -33.53 -6.69
N THR B 25 8.53 -33.33 -7.82
CA THR B 25 8.10 -33.91 -9.08
C THR B 25 6.61 -33.64 -9.31
N ASP A 1 8.50 21.38 4.28
CA ASP A 1 8.87 19.96 3.99
C ASP A 1 7.96 19.03 4.79
N LYS A 2 7.16 19.61 5.68
CA LYS A 2 6.25 18.82 6.50
C LYS A 2 5.02 18.42 5.71
N ALA A 3 4.78 19.11 4.61
CA ALA A 3 3.63 18.83 3.76
C ALA A 3 3.63 17.36 3.34
N TYR A 4 4.70 16.94 2.69
CA TYR A 4 4.81 15.56 2.22
C TYR A 4 4.36 14.59 3.32
N LEU A 5 5.05 14.60 4.45
CA LEU A 5 4.70 13.73 5.55
C LEU A 5 3.19 13.73 5.79
N ASP A 6 2.59 14.92 5.75
CA ASP A 6 1.16 15.05 5.96
C ASP A 6 0.39 14.14 5.00
N GLU A 7 0.74 14.19 3.72
CA GLU A 7 0.06 13.35 2.73
C GLU A 7 0.12 11.89 3.16
N LEU A 8 1.13 11.55 3.95
CA LEU A 8 1.30 10.18 4.43
C LEU A 8 0.43 9.93 5.66
N VAL A 9 0.43 10.87 6.60
CA VAL A 9 -0.37 10.72 7.80
C VAL A 9 -1.84 10.51 7.47
N GLU A 10 -2.43 11.52 6.82
CA GLU A 10 -3.83 11.44 6.44
C GLU A 10 -4.14 10.08 5.83
N LEU A 11 -3.42 9.73 4.77
CA LEU A 11 -3.63 8.45 4.12
C LEU A 11 -3.45 7.31 5.13
N HIS A 12 -2.31 7.32 5.81
CA HIS A 12 -2.00 6.30 6.81
C HIS A 12 -3.18 6.10 7.76
N ARG A 13 -3.51 7.16 8.50
CA ARG A 13 -4.61 7.08 9.46
C ARG A 13 -5.84 6.48 8.80
N ARG A 14 -6.22 7.01 7.64
CA ARG A 14 -7.39 6.51 6.94
C ARG A 14 -7.20 5.06 6.50
N LEU A 15 -5.98 4.71 6.12
CA LEU A 15 -5.69 3.35 5.67
C LEU A 15 -5.97 2.35 6.79
N MET A 16 -5.52 2.67 7.99
CA MET A 16 -5.70 1.78 9.13
C MET A 16 -7.16 1.40 9.31
N THR A 17 -8.06 2.36 9.10
CA THR A 17 -9.49 2.11 9.24
C THR A 17 -10.08 1.65 7.92
N LEU A 18 -9.43 2.03 6.83
CA LEU A 18 -9.92 1.66 5.50
C LEU A 18 -10.19 0.17 5.43
N ARG A 19 -11.45 -0.20 5.20
CA ARG A 19 -11.84 -1.61 5.11
C ARG A 19 -12.22 -1.96 3.66
N GLU A 20 -12.46 -0.93 2.86
CA GLU A 20 -12.83 -1.13 1.46
C GLU A 20 -11.79 -2.01 0.76
N ARG A 21 -11.93 -3.32 0.93
CA ARG A 21 -11.00 -4.27 0.33
C ARG A 21 -10.79 -3.99 -1.16
N HIS A 22 -11.77 -3.37 -1.79
CA HIS A 22 -11.69 -3.07 -3.22
C HIS A 22 -10.46 -2.20 -3.52
N ILE A 23 -10.08 -1.38 -2.56
CA ILE A 23 -8.92 -0.49 -2.73
C ILE A 23 -7.63 -1.18 -2.31
N LEU A 24 -7.65 -1.75 -1.12
CA LEU A 24 -6.47 -2.43 -0.60
C LEU A 24 -5.88 -3.36 -1.66
N GLN A 25 -6.71 -3.83 -2.57
CA GLN A 25 -6.24 -4.72 -3.62
C GLN A 25 -5.42 -3.97 -4.66
N GLN A 26 -5.94 -2.83 -5.10
CA GLN A 26 -5.25 -2.03 -6.11
C GLN A 26 -3.92 -1.52 -5.56
N ILE A 27 -3.97 -0.89 -4.39
CA ILE A 27 -2.77 -0.37 -3.76
C ILE A 27 -1.73 -1.47 -3.56
N VAL A 28 -2.10 -2.49 -2.79
CA VAL A 28 -1.18 -3.60 -2.52
C VAL A 28 -0.42 -3.99 -3.78
N ASN A 29 -1.16 -4.43 -4.79
CA ASN A 29 -0.56 -4.83 -6.06
C ASN A 29 0.28 -3.71 -6.66
N LEU A 30 -0.03 -2.47 -6.29
CA LEU A 30 0.71 -1.33 -6.82
C LEU A 30 2.12 -1.30 -6.25
N ILE A 31 2.23 -1.15 -4.94
CA ILE A 31 3.54 -1.09 -4.29
C ILE A 31 4.24 -2.44 -4.40
N GLU A 32 3.50 -3.51 -4.15
CA GLU A 32 4.06 -4.86 -4.24
C GLU A 32 4.95 -4.97 -5.48
N GLU A 33 4.43 -4.51 -6.62
CA GLU A 33 5.19 -4.55 -7.87
C GLU A 33 6.48 -3.74 -7.73
N THR A 34 6.45 -2.72 -6.87
CA THR A 34 7.63 -1.90 -6.65
C THR A 34 8.71 -2.68 -5.92
N GLY A 35 8.32 -3.33 -4.81
CA GLY A 35 9.26 -4.13 -4.01
C GLY A 35 9.42 -3.57 -2.61
N HIS A 36 8.95 -2.34 -2.40
CA HIS A 36 9.06 -1.69 -1.10
C HIS A 36 8.08 -2.30 -0.09
N PHE A 37 8.20 -3.60 0.16
CA PHE A 37 7.29 -4.27 1.11
C PHE A 37 8.03 -5.39 1.86
N HIS A 38 7.52 -5.71 3.03
CA HIS A 38 8.10 -6.78 3.86
C HIS A 38 7.00 -7.63 4.48
N ILE A 39 6.66 -8.73 3.79
CA ILE A 39 5.63 -9.64 4.26
C ILE A 39 6.26 -10.67 5.21
N THR A 40 5.57 -10.97 6.31
CA THR A 40 6.08 -11.94 7.29
C THR A 40 4.93 -12.73 7.91
N ASN A 41 5.26 -13.90 8.45
CA ASN A 41 4.26 -14.76 9.08
C ASN A 41 3.00 -14.82 8.21
N THR A 42 2.01 -14.01 8.55
CA THR A 42 0.77 -13.97 7.79
C THR A 42 0.14 -12.59 7.87
N THR A 43 0.70 -11.64 7.12
CA THR A 43 0.19 -10.28 7.09
C THR A 43 0.92 -9.49 6.00
N PHE A 44 0.38 -8.33 5.66
CA PHE A 44 0.99 -7.48 4.63
C PHE A 44 1.24 -6.10 5.22
N ASP A 45 2.50 -5.81 5.54
CA ASP A 45 2.87 -4.52 6.11
C ASP A 45 3.70 -3.70 5.14
N PHE A 46 3.47 -2.39 5.16
CA PHE A 46 4.20 -1.47 4.28
C PHE A 46 4.26 -0.08 4.90
N ASP A 47 5.28 0.69 4.58
CA ASP A 47 5.41 2.06 5.12
C ASP A 47 5.01 3.07 4.05
N LEU A 48 4.39 4.17 4.47
CA LEU A 48 3.96 5.20 3.53
C LEU A 48 5.14 6.08 3.15
N CYS A 49 6.23 5.95 3.90
CA CYS A 49 7.43 6.76 3.66
C CYS A 49 8.29 6.10 2.58
N SER A 50 8.02 4.83 2.31
CA SER A 50 8.79 4.08 1.31
C SER A 50 8.15 4.25 -0.07
N LEU A 51 7.21 5.19 -0.18
CA LEU A 51 6.53 5.46 -1.44
C LEU A 51 7.32 6.45 -2.28
N ASP A 52 7.24 6.31 -3.59
CA ASP A 52 7.95 7.21 -4.51
C ASP A 52 7.04 8.36 -4.91
N LYS A 53 7.58 9.57 -4.92
CA LYS A 53 6.79 10.75 -5.28
C LYS A 53 5.86 10.45 -6.45
N THR A 54 6.42 9.90 -7.54
CA THR A 54 5.62 9.57 -8.70
C THR A 54 4.63 8.46 -8.38
N THR A 55 4.97 7.65 -7.39
CA THR A 55 4.11 6.54 -7.00
C THR A 55 3.07 6.99 -5.98
N VAL A 56 3.34 8.11 -5.31
CA VAL A 56 2.40 8.63 -4.31
C VAL A 56 1.22 9.29 -5.01
N ARG A 57 1.45 9.83 -6.19
CA ARG A 57 0.39 10.48 -6.96
C ARG A 57 -0.55 9.42 -7.52
N LYS A 58 -0.03 8.22 -7.75
CA LYS A 58 -0.83 7.13 -8.29
C LYS A 58 -1.56 6.41 -7.16
N LEU A 59 -1.01 6.51 -5.96
CA LEU A 59 -1.60 5.86 -4.79
C LEU A 59 -2.74 6.71 -4.23
N GLN A 60 -2.40 7.88 -3.71
CA GLN A 60 -3.41 8.77 -3.14
C GLN A 60 -4.64 8.85 -4.04
N SER A 61 -4.43 8.68 -5.34
CA SER A 61 -5.54 8.73 -6.30
C SER A 61 -6.53 7.60 -6.02
N TYR A 62 -6.02 6.39 -5.78
CA TYR A 62 -6.90 5.26 -5.51
C TYR A 62 -7.88 5.60 -4.38
N LEU A 63 -7.50 6.56 -3.54
CA LEU A 63 -8.35 6.99 -2.42
C LEU A 63 -8.87 8.40 -2.67
N GLU A 64 -8.19 9.13 -3.56
CA GLU A 64 -8.59 10.50 -3.87
C GLU A 64 -8.89 11.28 -2.60
N THR A 65 -7.98 11.15 -1.61
CA THR A 65 -8.15 11.86 -0.35
C THR A 65 -8.27 13.36 -0.58
N SER A 66 -9.01 14.03 0.30
CA SER A 66 -9.18 15.47 0.17
C SER A 66 -9.56 15.85 -1.26
N GLY A 67 -8.93 16.91 -1.77
CA GLY A 67 -9.20 17.36 -3.13
C GLY A 67 -10.49 18.17 -3.19
N THR A 68 -10.72 18.98 -2.15
CA THR A 68 -11.93 19.80 -2.10
C THR A 68 -11.97 20.76 -3.29
N SER A 69 -13.05 20.68 -4.06
CA SER A 69 -13.21 21.54 -5.23
C SER A 69 -12.00 21.41 -6.15
N THR B 1 12.53 6.68 12.30
CA THR B 1 11.52 6.11 13.25
C THR B 1 10.18 6.81 13.02
N ASN B 2 10.24 8.03 12.49
CA ASN B 2 9.02 8.79 12.24
C ASN B 2 8.32 8.30 10.97
N LYS B 3 8.35 6.99 10.77
CA LYS B 3 7.71 6.40 9.60
C LYS B 3 6.23 6.19 9.86
N LEU B 4 5.60 5.33 9.05
CA LEU B 4 4.19 5.03 9.18
C LEU B 4 3.95 3.56 8.84
N PRO B 5 4.05 2.66 9.79
CA PRO B 5 3.83 1.22 9.52
C PRO B 5 2.35 0.86 9.46
N VAL B 6 2.02 -0.01 8.50
CA VAL B 6 0.64 -0.48 8.31
C VAL B 6 0.58 -2.00 8.34
N SER B 7 -0.62 -2.55 8.52
CA SER B 7 -0.78 -4.01 8.57
C SER B 7 -2.15 -4.42 8.03
N ILE B 8 -2.15 -5.37 7.10
CA ILE B 8 -3.38 -5.88 6.50
C ILE B 8 -3.34 -7.42 6.44
N PRO B 9 -4.40 -8.12 6.81
CA PRO B 9 -4.40 -9.60 6.76
C PRO B 9 -4.40 -10.11 5.32
N LEU B 10 -3.54 -11.08 5.05
CA LEU B 10 -3.45 -11.65 3.70
C LEU B 10 -4.77 -12.28 3.29
N ALA B 11 -5.66 -12.45 4.27
CA ALA B 11 -6.97 -13.03 3.99
C ALA B 11 -7.89 -11.98 3.34
N SER B 12 -7.59 -10.71 3.59
CA SER B 12 -8.41 -9.63 3.04
C SER B 12 -7.93 -9.23 1.64
N VAL B 13 -6.75 -9.71 1.27
CA VAL B 13 -6.17 -9.41 -0.03
C VAL B 13 -5.50 -10.64 -0.60
N VAL B 14 -4.75 -10.44 -1.68
CA VAL B 14 -4.03 -11.53 -2.33
C VAL B 14 -2.66 -11.04 -2.79
N LEU B 15 -1.62 -11.50 -2.10
CA LEU B 15 -0.24 -11.11 -2.42
C LEU B 15 0.36 -12.10 -3.42
N PRO B 16 0.66 -11.70 -4.64
CA PRO B 16 1.26 -12.61 -5.66
C PRO B 16 2.34 -13.50 -5.04
N SER B 17 2.76 -14.53 -5.78
CA SER B 17 3.79 -15.44 -5.31
C SER B 17 4.42 -16.19 -6.48
N ARG B 18 3.62 -17.00 -7.16
CA ARG B 18 4.11 -17.76 -8.30
C ARG B 18 4.18 -16.88 -9.55
N ALA B 19 3.95 -15.59 -9.36
CA ALA B 19 3.97 -14.64 -10.47
C ALA B 19 3.03 -15.09 -11.57
N GLU B 20 1.91 -14.38 -11.71
CA GLU B 20 0.93 -14.72 -12.73
C GLU B 20 1.55 -14.63 -14.12
N ARG B 21 2.74 -14.05 -14.19
CA ARG B 21 3.44 -13.91 -15.47
C ARG B 21 4.00 -15.25 -15.93
N ALA B 22 3.69 -15.62 -17.17
CA ALA B 22 4.16 -16.88 -17.71
C ALA B 22 3.79 -18.05 -16.81
N ARG B 23 2.54 -18.05 -16.34
CA ARG B 23 2.06 -19.10 -15.45
C ARG B 23 1.77 -20.37 -16.25
N SER B 24 2.28 -20.42 -17.48
CA SER B 24 2.07 -21.59 -18.33
C SER B 24 0.58 -21.83 -18.54
N THR B 25 0.13 -21.73 -19.79
CA THR B 25 -1.27 -21.94 -20.11
C THR B 25 -2.16 -21.07 -19.23
N ASP A 1 8.99 21.29 2.88
CA ASP A 1 9.12 19.82 2.70
C ASP A 1 8.42 19.10 3.85
N LYS A 2 7.85 19.87 4.76
CA LYS A 2 7.14 19.30 5.91
C LYS A 2 5.74 18.85 5.51
N ALA A 3 5.35 19.20 4.29
CA ALA A 3 4.02 18.83 3.80
C ALA A 3 3.97 17.35 3.42
N TYR A 4 5.03 16.86 2.81
CA TYR A 4 5.10 15.47 2.39
C TYR A 4 4.59 14.55 3.51
N LEU A 5 5.29 14.59 4.65
CA LEU A 5 4.90 13.75 5.78
C LEU A 5 3.38 13.80 5.99
N ASP A 6 2.85 15.02 6.06
CA ASP A 6 1.41 15.20 6.26
C ASP A 6 0.62 14.33 5.30
N GLU A 7 1.04 14.28 4.04
CA GLU A 7 0.35 13.48 3.03
C GLU A 7 0.36 12.01 3.44
N LEU A 8 1.35 11.62 4.23
CA LEU A 8 1.47 10.24 4.68
C LEU A 8 0.60 10.01 5.91
N VAL A 9 0.66 10.93 6.85
CA VAL A 9 -0.13 10.82 8.07
C VAL A 9 -1.61 10.60 7.74
N GLU A 10 -2.17 11.53 6.97
CA GLU A 10 -3.57 11.44 6.59
C GLU A 10 -3.84 10.09 5.92
N LEU A 11 -3.05 9.76 4.91
CA LEU A 11 -3.23 8.49 4.21
C LEU A 11 -3.19 7.35 5.23
N HIS A 12 -2.12 7.33 6.02
CA HIS A 12 -1.95 6.31 7.04
C HIS A 12 -3.20 6.21 7.91
N ARG A 13 -3.56 7.32 8.52
CA ARG A 13 -4.73 7.39 9.39
C ARG A 13 -5.95 6.80 8.67
N ARG A 14 -6.25 7.35 7.49
CA ARG A 14 -7.40 6.88 6.72
C ARG A 14 -7.27 5.40 6.39
N LEU A 15 -6.06 4.97 6.05
CA LEU A 15 -5.82 3.57 5.70
C LEU A 15 -6.12 2.66 6.89
N MET A 16 -5.63 3.07 8.06
CA MET A 16 -5.83 2.27 9.27
C MET A 16 -7.29 1.92 9.49
N THR A 17 -8.17 2.86 9.19
CA THR A 17 -9.61 2.65 9.35
C THR A 17 -10.22 2.14 8.05
N LEU A 18 -9.55 2.41 6.93
CA LEU A 18 -10.05 1.97 5.64
C LEU A 18 -10.35 0.48 5.66
N ARG A 19 -11.56 0.11 5.22
CA ARG A 19 -11.96 -1.29 5.18
C ARG A 19 -12.68 -1.59 3.86
N GLU A 20 -11.92 -1.58 2.77
CA GLU A 20 -12.49 -1.84 1.45
C GLU A 20 -11.54 -2.69 0.62
N ARG A 21 -11.67 -4.00 0.73
CA ARG A 21 -10.81 -4.92 -0.01
C ARG A 21 -10.67 -4.50 -1.47
N HIS A 22 -11.64 -3.73 -1.96
CA HIS A 22 -11.60 -3.27 -3.35
C HIS A 22 -10.40 -2.37 -3.60
N ILE A 23 -10.10 -1.51 -2.63
CA ILE A 23 -8.98 -0.57 -2.76
C ILE A 23 -7.68 -1.22 -2.28
N LEU A 24 -7.71 -1.73 -1.06
CA LEU A 24 -6.54 -2.38 -0.47
C LEU A 24 -5.90 -3.33 -1.49
N GLN A 25 -6.66 -3.72 -2.50
CA GLN A 25 -6.14 -4.63 -3.52
C GLN A 25 -5.33 -3.86 -4.56
N GLN A 26 -5.84 -2.71 -4.97
CA GLN A 26 -5.16 -1.89 -5.97
C GLN A 26 -3.81 -1.39 -5.45
N ILE A 27 -3.83 -0.79 -4.26
CA ILE A 27 -2.60 -0.26 -3.67
C ILE A 27 -1.56 -1.38 -3.53
N VAL A 28 -1.92 -2.41 -2.77
CA VAL A 28 -1.01 -3.52 -2.53
C VAL A 28 -0.28 -3.93 -3.81
N ASN A 29 -1.05 -4.31 -4.83
CA ASN A 29 -0.47 -4.73 -6.10
C ASN A 29 0.38 -3.60 -6.70
N LEU A 30 0.06 -2.36 -6.33
CA LEU A 30 0.80 -1.20 -6.87
C LEU A 30 2.23 -1.19 -6.34
N ILE A 31 2.38 -1.12 -5.02
CA ILE A 31 3.72 -1.08 -4.44
C ILE A 31 4.41 -2.42 -4.60
N GLU A 32 3.68 -3.50 -4.32
CA GLU A 32 4.25 -4.84 -4.45
C GLU A 32 5.01 -4.95 -5.76
N GLU A 33 4.41 -4.47 -6.84
CA GLU A 33 5.03 -4.51 -8.15
C GLU A 33 6.29 -3.65 -8.17
N THR A 34 6.22 -2.52 -7.46
CA THR A 34 7.35 -1.60 -7.38
C THR A 34 8.49 -2.20 -6.59
N GLY A 35 8.18 -2.68 -5.38
CA GLY A 35 9.17 -3.27 -4.50
C GLY A 35 9.45 -2.35 -3.33
N HIS A 36 8.97 -2.74 -2.15
CA HIS A 36 9.17 -1.96 -0.93
C HIS A 36 8.18 -2.45 0.15
N PHE A 37 8.32 -3.69 0.57
CA PHE A 37 7.43 -4.25 1.58
C PHE A 37 8.12 -5.37 2.36
N HIS A 38 7.57 -5.67 3.53
CA HIS A 38 8.09 -6.74 4.39
C HIS A 38 6.95 -7.65 4.82
N ILE A 39 6.73 -8.73 4.06
CA ILE A 39 5.67 -9.68 4.37
C ILE A 39 6.23 -10.81 5.24
N THR A 40 5.53 -11.12 6.32
CA THR A 40 5.96 -12.18 7.23
C THR A 40 4.75 -12.89 7.84
N ASN A 41 5.00 -14.06 8.44
CA ASN A 41 3.92 -14.83 9.06
C ASN A 41 2.69 -14.83 8.15
N THR A 42 1.74 -13.95 8.46
CA THR A 42 0.52 -13.84 7.67
C THR A 42 -0.03 -12.42 7.74
N THR A 43 0.60 -11.50 7.01
CA THR A 43 0.16 -10.12 6.99
C THR A 43 0.96 -9.32 5.94
N PHE A 44 0.48 -8.12 5.62
CA PHE A 44 1.15 -7.26 4.65
C PHE A 44 1.42 -5.89 5.27
N ASP A 45 2.66 -5.67 5.70
CA ASP A 45 3.05 -4.40 6.31
C ASP A 45 3.85 -3.56 5.33
N PHE A 46 3.62 -2.25 5.35
CA PHE A 46 4.33 -1.32 4.48
C PHE A 46 4.37 0.07 5.09
N ASP A 47 5.38 0.85 4.76
CA ASP A 47 5.49 2.22 5.28
C ASP A 47 5.04 3.21 4.21
N LEU A 48 4.36 4.27 4.62
CA LEU A 48 3.88 5.27 3.68
C LEU A 48 5.04 6.18 3.27
N CYS A 49 6.16 6.07 3.99
CA CYS A 49 7.33 6.88 3.71
C CYS A 49 8.22 6.18 2.68
N SER A 50 7.92 4.91 2.44
CA SER A 50 8.70 4.13 1.47
C SER A 50 8.12 4.30 0.07
N LEU A 51 7.16 5.23 -0.06
CA LEU A 51 6.53 5.49 -1.35
C LEU A 51 7.39 6.45 -2.18
N ASP A 52 7.06 6.57 -3.46
CA ASP A 52 7.78 7.47 -4.37
C ASP A 52 6.83 8.54 -4.89
N LYS A 53 7.30 9.77 -4.94
CA LYS A 53 6.48 10.89 -5.42
C LYS A 53 5.62 10.47 -6.61
N THR A 54 6.23 9.78 -7.58
CA THR A 54 5.50 9.34 -8.76
C THR A 54 4.51 8.25 -8.39
N THR A 55 4.84 7.46 -7.37
CA THR A 55 3.97 6.37 -6.93
C THR A 55 2.92 6.89 -5.95
N VAL A 56 3.22 8.02 -5.31
CA VAL A 56 2.28 8.60 -4.36
C VAL A 56 1.05 9.13 -5.10
N ARG A 57 1.26 9.55 -6.34
CA ARG A 57 0.17 10.09 -7.15
C ARG A 57 -0.77 8.98 -7.60
N LYS A 58 -0.23 7.81 -7.91
CA LYS A 58 -1.05 6.68 -8.35
C LYS A 58 -1.74 6.04 -7.15
N LEU A 59 -1.15 6.24 -5.96
CA LEU A 59 -1.71 5.67 -4.74
C LEU A 59 -2.85 6.54 -4.22
N GLN A 60 -2.53 7.79 -3.90
CA GLN A 60 -3.54 8.71 -3.40
C GLN A 60 -4.77 8.71 -4.31
N SER A 61 -4.55 8.40 -5.59
CA SER A 61 -5.64 8.37 -6.56
C SER A 61 -6.62 7.25 -6.24
N TYR A 62 -6.12 6.03 -6.08
CA TYR A 62 -6.99 4.89 -5.79
C TYR A 62 -7.93 5.23 -4.62
N LEU A 63 -7.41 5.95 -3.64
CA LEU A 63 -8.21 6.32 -2.48
C LEU A 63 -9.36 7.24 -2.89
N GLU A 64 -9.23 7.84 -4.06
CA GLU A 64 -10.26 8.75 -4.57
C GLU A 64 -10.17 8.87 -6.08
N THR A 65 -10.67 7.87 -6.79
CA THR A 65 -10.65 7.87 -8.25
C THR A 65 -11.55 8.97 -8.80
N SER A 66 -11.31 9.36 -10.04
CA SER A 66 -12.11 10.40 -10.67
C SER A 66 -13.54 9.91 -10.93
N GLY A 67 -14.30 10.69 -11.67
CA GLY A 67 -15.68 10.33 -11.99
C GLY A 67 -16.60 10.63 -10.81
N THR A 68 -16.29 11.69 -10.08
CA THR A 68 -17.10 12.08 -8.93
C THR A 68 -17.13 10.97 -7.89
N SER A 69 -17.87 9.91 -8.17
CA SER A 69 -17.96 8.79 -7.25
C SER A 69 -16.58 8.27 -6.89
N THR B 1 10.21 8.00 13.72
CA THR B 1 8.88 8.66 13.70
C THR B 1 8.41 8.83 12.26
N ASN B 2 9.36 9.05 11.36
CA ASN B 2 9.05 9.23 9.95
C ASN B 2 8.67 7.90 9.30
N LYS B 3 7.93 7.08 10.04
CA LYS B 3 7.50 5.77 9.55
C LYS B 3 6.05 5.53 9.95
N LEU B 4 5.28 4.93 9.04
CA LEU B 4 3.88 4.64 9.28
C LEU B 4 3.59 3.20 8.84
N PRO B 5 3.76 2.23 9.69
CA PRO B 5 3.50 0.81 9.31
C PRO B 5 2.01 0.48 9.33
N VAL B 6 1.54 -0.16 8.26
CA VAL B 6 0.13 -0.56 8.16
C VAL B 6 0.04 -2.03 7.73
N SER B 7 -0.39 -2.87 8.66
CA SER B 7 -0.52 -4.30 8.39
C SER B 7 -1.93 -4.65 7.90
N ILE B 8 -2.01 -5.43 6.83
CA ILE B 8 -3.31 -5.83 6.27
C ILE B 8 -3.38 -7.37 6.17
N PRO B 9 -4.24 -8.02 6.93
CA PRO B 9 -4.36 -9.50 6.86
C PRO B 9 -4.35 -10.03 5.42
N LEU B 10 -3.56 -11.06 5.17
CA LEU B 10 -3.46 -11.63 3.83
C LEU B 10 -4.80 -12.24 3.40
N ALA B 11 -5.69 -12.42 4.36
CA ALA B 11 -7.01 -12.96 4.07
C ALA B 11 -7.87 -11.90 3.39
N SER B 12 -7.57 -10.64 3.65
CA SER B 12 -8.32 -9.53 3.09
C SER B 12 -7.79 -9.13 1.71
N VAL B 13 -6.64 -9.66 1.34
CA VAL B 13 -6.03 -9.35 0.04
C VAL B 13 -5.39 -10.60 -0.55
N VAL B 14 -4.66 -10.40 -1.65
CA VAL B 14 -3.98 -11.50 -2.33
C VAL B 14 -2.62 -11.03 -2.82
N LEU B 15 -1.57 -11.69 -2.33
CA LEU B 15 -0.21 -11.36 -2.72
C LEU B 15 0.08 -11.89 -4.13
N PRO B 16 0.93 -11.24 -4.88
CA PRO B 16 1.28 -11.70 -6.26
C PRO B 16 2.22 -12.91 -6.24
N SER B 17 1.81 -13.98 -6.93
CA SER B 17 2.62 -15.19 -6.99
C SER B 17 3.94 -14.91 -7.71
N ARG B 18 5.01 -15.54 -7.23
CA ARG B 18 6.32 -15.35 -7.85
C ARG B 18 6.38 -16.08 -9.20
N ALA B 19 5.60 -15.60 -10.16
CA ALA B 19 5.58 -16.21 -11.49
C ALA B 19 6.97 -16.15 -12.12
N GLU B 20 7.53 -17.33 -12.38
CA GLU B 20 8.86 -17.42 -12.98
C GLU B 20 8.78 -17.13 -14.47
N ARG B 21 9.66 -16.24 -14.94
CA ARG B 21 9.68 -15.87 -16.35
C ARG B 21 10.86 -14.96 -16.65
N ALA B 22 10.87 -14.40 -17.86
CA ALA B 22 11.95 -13.50 -18.26
C ALA B 22 13.31 -14.18 -18.13
N ARG B 23 13.27 -15.50 -17.98
CA ARG B 23 14.51 -16.27 -17.85
C ARG B 23 15.51 -15.86 -18.92
N SER B 24 16.55 -15.13 -18.51
CA SER B 24 17.56 -14.68 -19.45
C SER B 24 18.48 -15.84 -19.83
N THR B 25 18.76 -15.96 -21.13
CA THR B 25 19.63 -17.03 -21.62
C THR B 25 20.97 -17.00 -20.90
N ASP A 1 9.96 20.76 4.36
CA ASP A 1 8.71 20.34 3.66
C ASP A 1 7.93 19.38 4.55
N LYS A 2 7.50 19.87 5.71
CA LYS A 2 6.74 19.05 6.64
C LYS A 2 5.40 18.65 6.03
N ALA A 3 5.11 19.18 4.86
CA ALA A 3 3.85 18.88 4.18
C ALA A 3 3.83 17.43 3.72
N TYR A 4 4.91 17.00 3.07
CA TYR A 4 5.00 15.63 2.57
C TYR A 4 4.53 14.64 3.63
N LEU A 5 5.21 14.64 4.78
CA LEU A 5 4.86 13.74 5.87
C LEU A 5 3.34 13.70 6.06
N ASP A 6 2.73 14.88 6.15
CA ASP A 6 1.29 14.98 6.34
C ASP A 6 0.57 14.08 5.34
N GLU A 7 0.95 14.17 4.08
CA GLU A 7 0.33 13.36 3.04
C GLU A 7 0.39 11.87 3.41
N LEU A 8 1.36 11.53 4.25
CA LEU A 8 1.53 10.16 4.69
C LEU A 8 0.63 9.87 5.90
N VAL A 9 0.61 10.81 6.85
CA VAL A 9 -0.20 10.63 8.05
C VAL A 9 -1.67 10.43 7.69
N GLU A 10 -2.24 11.41 7.00
CA GLU A 10 -3.63 11.32 6.59
C GLU A 10 -3.91 9.98 5.93
N LEU A 11 -3.09 9.64 4.94
CA LEU A 11 -3.24 8.37 4.24
C LEU A 11 -3.17 7.23 5.25
N HIS A 12 -2.10 7.23 6.05
CA HIS A 12 -1.91 6.21 7.06
C HIS A 12 -3.19 6.01 7.87
N ARG A 13 -3.66 7.11 8.46
CA ARG A 13 -4.87 7.08 9.26
C ARG A 13 -6.03 6.47 8.46
N ARG A 14 -6.28 7.02 7.27
CA ARG A 14 -7.36 6.53 6.43
C ARG A 14 -7.20 5.04 6.13
N LEU A 15 -6.00 4.64 5.72
CA LEU A 15 -5.75 3.23 5.40
C LEU A 15 -6.03 2.34 6.61
N MET A 16 -5.63 2.82 7.78
CA MET A 16 -5.83 2.05 9.01
C MET A 16 -7.30 1.69 9.20
N THR A 17 -8.19 2.61 8.84
CA THR A 17 -9.63 2.38 8.99
C THR A 17 -10.26 2.06 7.63
N LEU A 18 -9.44 1.71 6.64
CA LEU A 18 -9.94 1.40 5.31
C LEU A 18 -10.20 -0.10 5.17
N ARG A 19 -11.46 -0.47 4.95
CA ARG A 19 -11.85 -1.87 4.78
C ARG A 19 -12.29 -2.12 3.34
N GLU A 20 -12.11 -1.11 2.50
CA GLU A 20 -12.51 -1.21 1.10
C GLU A 20 -11.56 -2.15 0.34
N ARG A 21 -11.98 -3.41 0.21
CA ARG A 21 -11.17 -4.40 -0.48
C ARG A 21 -10.89 -3.99 -1.92
N HIS A 22 -11.74 -3.13 -2.46
CA HIS A 22 -11.56 -2.66 -3.84
C HIS A 22 -10.25 -1.88 -4.00
N ILE A 23 -9.92 -1.06 -3.01
CA ILE A 23 -8.70 -0.26 -3.07
C ILE A 23 -7.51 -1.05 -2.51
N LEU A 24 -7.68 -1.63 -1.32
CA LEU A 24 -6.60 -2.39 -0.70
C LEU A 24 -5.95 -3.33 -1.72
N GLN A 25 -6.73 -3.81 -2.69
CA GLN A 25 -6.19 -4.71 -3.68
C GLN A 25 -5.34 -3.95 -4.69
N GLN A 26 -5.82 -2.77 -5.08
CA GLN A 26 -5.10 -1.94 -6.05
C GLN A 26 -3.78 -1.45 -5.47
N ILE A 27 -3.86 -0.81 -4.32
CA ILE A 27 -2.66 -0.28 -3.66
C ILE A 27 -1.63 -1.38 -3.46
N VAL A 28 -2.01 -2.43 -2.73
CA VAL A 28 -1.09 -3.52 -2.45
C VAL A 28 -0.28 -3.89 -3.70
N ASN A 29 -0.97 -4.33 -4.74
CA ASN A 29 -0.31 -4.69 -5.99
C ASN A 29 0.56 -3.56 -6.51
N LEU A 30 0.31 -2.33 -6.06
CA LEU A 30 1.10 -1.18 -6.50
C LEU A 30 2.47 -1.20 -5.86
N ILE A 31 2.50 -1.05 -4.53
CA ILE A 31 3.75 -1.03 -3.79
C ILE A 31 4.44 -2.40 -3.85
N GLU A 32 3.68 -3.40 -4.25
CA GLU A 32 4.21 -4.76 -4.36
C GLU A 32 5.11 -4.85 -5.60
N GLU A 33 4.60 -4.37 -6.73
CA GLU A 33 5.37 -4.41 -7.97
C GLU A 33 6.67 -3.62 -7.81
N THR A 34 6.76 -2.85 -6.73
CA THR A 34 7.96 -2.06 -6.46
C THR A 34 9.01 -2.92 -5.78
N GLY A 35 8.59 -3.66 -4.74
CA GLY A 35 9.49 -4.54 -4.00
C GLY A 35 9.79 -3.98 -2.61
N HIS A 36 9.23 -2.81 -2.30
CA HIS A 36 9.45 -2.18 -1.00
C HIS A 36 8.41 -2.66 0.02
N PHE A 37 8.43 -3.96 0.31
CA PHE A 37 7.48 -4.53 1.27
C PHE A 37 8.14 -5.64 2.07
N HIS A 38 7.58 -5.91 3.25
CA HIS A 38 8.08 -6.97 4.14
C HIS A 38 6.92 -7.84 4.62
N ILE A 39 6.68 -8.94 3.91
CA ILE A 39 5.62 -9.88 4.29
C ILE A 39 6.21 -11.00 5.14
N THR A 40 5.53 -11.34 6.22
CA THR A 40 6.00 -12.39 7.13
C THR A 40 4.84 -13.08 7.83
N ASN A 41 5.09 -14.27 8.35
CA ASN A 41 4.05 -15.03 9.05
C ASN A 41 2.75 -14.97 8.27
N THR A 42 1.86 -14.05 8.66
CA THR A 42 0.58 -13.89 7.99
C THR A 42 0.10 -12.44 8.12
N THR A 43 0.69 -11.57 7.31
CA THR A 43 0.32 -10.15 7.33
C THR A 43 1.03 -9.41 6.20
N PHE A 44 0.49 -8.26 5.82
CA PHE A 44 1.07 -7.43 4.76
C PHE A 44 1.42 -6.06 5.30
N ASP A 45 2.69 -5.85 5.61
CA ASP A 45 3.16 -4.58 6.16
C ASP A 45 3.92 -3.77 5.11
N PHE A 46 3.73 -2.46 5.15
CA PHE A 46 4.41 -1.55 4.22
C PHE A 46 4.45 -0.15 4.82
N ASP A 47 5.34 0.71 4.30
CA ASP A 47 5.45 2.09 4.81
C ASP A 47 4.96 3.09 3.77
N LEU A 48 4.43 4.21 4.25
CA LEU A 48 3.92 5.26 3.37
C LEU A 48 5.09 6.09 2.84
N CYS A 49 6.13 6.20 3.66
CA CYS A 49 7.31 6.97 3.29
C CYS A 49 8.11 6.21 2.23
N SER A 50 7.68 4.99 1.96
CA SER A 50 8.34 4.14 0.97
C SER A 50 7.73 4.35 -0.42
N LEU A 51 6.80 5.29 -0.51
CA LEU A 51 6.13 5.58 -1.78
C LEU A 51 6.95 6.59 -2.59
N ASP A 52 6.94 6.43 -3.91
CA ASP A 52 7.67 7.36 -4.79
C ASP A 52 6.78 8.52 -5.17
N LYS A 53 7.37 9.71 -5.30
CA LYS A 53 6.62 10.91 -5.64
C LYS A 53 5.59 10.60 -6.72
N THR A 54 6.04 10.04 -7.84
CA THR A 54 5.14 9.71 -8.92
C THR A 54 4.18 8.60 -8.50
N THR A 55 4.58 7.82 -7.50
CA THR A 55 3.74 6.74 -7.00
C THR A 55 2.75 7.26 -5.97
N VAL A 56 3.10 8.35 -5.30
CA VAL A 56 2.22 8.93 -4.29
C VAL A 56 0.94 9.44 -4.97
N ARG A 57 1.09 9.95 -6.18
CA ARG A 57 -0.04 10.46 -6.94
C ARG A 57 -1.04 9.34 -7.22
N LYS A 58 -0.53 8.18 -7.63
CA LYS A 58 -1.38 7.05 -7.93
C LYS A 58 -1.94 6.45 -6.64
N LEU A 59 -1.17 6.59 -5.57
CA LEU A 59 -1.58 6.07 -4.27
C LEU A 59 -2.77 6.84 -3.73
N GLN A 60 -2.63 8.17 -3.66
CA GLN A 60 -3.69 9.03 -3.15
C GLN A 60 -4.91 9.01 -4.07
N SER A 61 -4.68 8.74 -5.35
CA SER A 61 -5.77 8.70 -6.31
C SER A 61 -6.71 7.54 -6.03
N TYR A 62 -6.15 6.35 -5.84
CA TYR A 62 -6.97 5.16 -5.58
C TYR A 62 -8.02 5.46 -4.50
N LEU A 63 -7.84 6.54 -3.77
CA LEU A 63 -8.79 6.90 -2.72
C LEU A 63 -10.00 7.60 -3.31
N GLU A 64 -9.75 8.75 -3.95
CA GLU A 64 -10.83 9.53 -4.56
C GLU A 64 -11.08 9.07 -6.00
N THR A 65 -11.20 7.77 -6.20
CA THR A 65 -11.44 7.22 -7.52
C THR A 65 -12.66 7.88 -8.16
N SER A 66 -12.68 7.93 -9.49
CA SER A 66 -13.79 8.54 -10.21
C SER A 66 -15.03 7.66 -10.12
N GLY A 67 -15.88 7.74 -11.14
CA GLY A 67 -17.10 6.95 -11.16
C GLY A 67 -17.83 7.10 -12.49
N THR A 68 -18.18 8.33 -12.84
CA THR A 68 -18.89 8.60 -14.10
C THR A 68 -18.17 7.90 -15.25
N SER A 69 -16.85 7.88 -15.21
CA SER A 69 -16.07 7.23 -16.26
C SER A 69 -16.21 5.71 -16.19
N THR B 1 8.44 9.18 14.90
CA THR B 1 8.85 8.06 14.00
C THR B 1 8.68 8.50 12.55
N ASN B 2 9.80 8.67 11.85
CA ASN B 2 9.76 9.08 10.44
C ASN B 2 9.30 7.92 9.56
N LYS B 3 8.33 7.15 10.06
CA LYS B 3 7.79 6.02 9.33
C LYS B 3 6.33 5.82 9.69
N LEU B 4 5.62 5.08 8.85
CA LEU B 4 4.20 4.80 9.05
C LEU B 4 3.87 3.38 8.59
N PRO B 5 3.92 2.41 9.45
CA PRO B 5 3.64 0.99 9.04
C PRO B 5 2.13 0.71 8.96
N VAL B 6 1.76 -0.14 8.00
CA VAL B 6 0.35 -0.53 7.81
C VAL B 6 0.24 -2.02 7.56
N SER B 7 -0.28 -2.73 8.56
CA SER B 7 -0.45 -4.19 8.45
C SER B 7 -1.87 -4.54 8.01
N ILE B 8 -1.99 -5.36 6.97
CA ILE B 8 -3.31 -5.78 6.46
C ILE B 8 -3.39 -7.31 6.43
N PRO B 9 -4.23 -7.92 7.25
CA PRO B 9 -4.36 -9.41 7.25
C PRO B 9 -4.41 -9.98 5.83
N LEU B 10 -3.52 -10.91 5.53
CA LEU B 10 -3.45 -11.52 4.21
C LEU B 10 -4.80 -12.13 3.82
N ALA B 11 -5.68 -12.25 4.80
CA ALA B 11 -7.01 -12.80 4.54
C ALA B 11 -7.89 -11.75 3.88
N SER B 12 -7.53 -10.49 4.08
CA SER B 12 -8.31 -9.38 3.52
C SER B 12 -7.86 -9.05 2.09
N VAL B 13 -6.66 -9.49 1.73
CA VAL B 13 -6.11 -9.24 0.40
C VAL B 13 -5.49 -10.51 -0.16
N VAL B 14 -4.79 -10.36 -1.28
CA VAL B 14 -4.13 -11.48 -1.94
C VAL B 14 -2.78 -11.03 -2.47
N LEU B 15 -1.70 -11.49 -1.82
CA LEU B 15 -0.35 -11.12 -2.24
C LEU B 15 0.18 -12.15 -3.25
N PRO B 16 0.72 -11.71 -4.38
CA PRO B 16 1.27 -12.65 -5.40
C PRO B 16 2.63 -13.21 -4.99
N SER B 17 3.19 -14.09 -5.82
CA SER B 17 4.48 -14.70 -5.53
C SER B 17 4.46 -15.39 -4.18
N ARG B 18 5.54 -16.10 -3.86
CA ARG B 18 5.62 -16.82 -2.59
C ARG B 18 7.02 -17.37 -2.38
N ALA B 19 7.89 -16.54 -1.80
CA ALA B 19 9.27 -16.96 -1.54
C ALA B 19 9.93 -17.48 -2.81
N GLU B 20 10.66 -16.62 -3.50
CA GLU B 20 11.33 -17.00 -4.74
C GLU B 20 12.63 -17.74 -4.42
N ARG B 21 12.85 -18.02 -3.15
CA ARG B 21 14.06 -18.72 -2.72
C ARG B 21 14.27 -19.98 -3.56
N ALA B 22 15.53 -20.25 -3.89
CA ALA B 22 15.86 -21.43 -4.69
C ALA B 22 14.98 -21.50 -5.93
N ARG B 23 15.52 -21.05 -7.07
CA ARG B 23 14.77 -21.08 -8.32
C ARG B 23 14.39 -22.51 -8.69
N SER B 24 15.31 -23.45 -8.45
CA SER B 24 15.07 -24.85 -8.76
C SER B 24 13.79 -25.33 -8.07
N THR B 25 13.86 -25.48 -6.75
CA THR B 25 12.70 -25.93 -5.99
C THR B 25 12.90 -25.68 -4.50
N ASP A 1 9.43 18.60 2.83
CA ASP A 1 8.65 19.63 3.57
C ASP A 1 7.84 18.95 4.68
N LYS A 2 7.30 19.76 5.58
CA LYS A 2 6.51 19.23 6.68
C LYS A 2 5.12 18.82 6.20
N ALA A 3 4.82 19.11 4.94
CA ALA A 3 3.52 18.76 4.37
C ALA A 3 3.52 17.32 3.88
N TYR A 4 4.61 16.92 3.23
CA TYR A 4 4.72 15.56 2.70
C TYR A 4 4.25 14.55 3.73
N LEU A 5 4.85 14.56 4.92
CA LEU A 5 4.47 13.64 5.97
C LEU A 5 2.96 13.57 6.10
N ASP A 6 2.32 14.74 6.13
CA ASP A 6 0.86 14.80 6.25
C ASP A 6 0.20 13.88 5.21
N GLU A 7 0.75 13.87 4.00
CA GLU A 7 0.22 13.03 2.94
C GLU A 7 0.35 11.55 3.30
N LEU A 8 1.32 11.25 4.15
CA LEU A 8 1.56 9.87 4.58
C LEU A 8 0.67 9.54 5.77
N VAL A 9 0.62 10.44 6.75
CA VAL A 9 -0.19 10.22 7.93
C VAL A 9 -1.66 10.01 7.56
N GLU A 10 -2.24 10.99 6.86
CA GLU A 10 -3.64 10.90 6.45
C GLU A 10 -3.91 9.53 5.83
N LEU A 11 -3.11 9.16 4.84
CA LEU A 11 -3.27 7.87 4.18
C LEU A 11 -3.13 6.76 5.22
N HIS A 12 -2.06 6.81 6.00
CA HIS A 12 -1.83 5.80 7.03
C HIS A 12 -3.06 5.64 7.89
N ARG A 13 -3.51 6.76 8.46
CA ARG A 13 -4.69 6.76 9.31
C ARG A 13 -5.90 6.22 8.54
N ARG A 14 -6.20 6.83 7.40
CA ARG A 14 -7.34 6.39 6.59
C ARG A 14 -7.26 4.89 6.32
N LEU A 15 -6.12 4.45 5.81
CA LEU A 15 -5.92 3.04 5.51
C LEU A 15 -6.21 2.18 6.74
N MET A 16 -5.84 2.70 7.91
CA MET A 16 -6.03 1.98 9.16
C MET A 16 -7.50 1.64 9.39
N THR A 17 -8.39 2.56 9.01
CA THR A 17 -9.84 2.36 9.18
C THR A 17 -10.51 2.09 7.84
N LEU A 18 -9.71 1.74 6.84
CA LEU A 18 -10.25 1.46 5.50
C LEU A 18 -10.54 -0.02 5.32
N ARG A 19 -11.81 -0.34 5.06
CA ARG A 19 -12.22 -1.74 4.86
C ARG A 19 -12.40 -2.01 3.37
N GLU A 20 -12.68 -0.97 2.60
CA GLU A 20 -12.86 -1.11 1.16
C GLU A 20 -11.71 -1.89 0.55
N ARG A 21 -11.82 -3.22 0.55
CA ARG A 21 -10.78 -4.07 0.00
C ARG A 21 -10.41 -3.66 -1.42
N HIS A 22 -11.42 -3.26 -2.20
CA HIS A 22 -11.19 -2.85 -3.59
C HIS A 22 -9.96 -1.96 -3.69
N ILE A 23 -9.69 -1.19 -2.63
CA ILE A 23 -8.56 -0.27 -2.61
C ILE A 23 -7.30 -0.99 -2.13
N LEU A 24 -7.39 -1.57 -0.94
CA LEU A 24 -6.25 -2.28 -0.37
C LEU A 24 -5.63 -3.21 -1.41
N GLN A 25 -6.45 -3.67 -2.35
CA GLN A 25 -5.98 -4.57 -3.39
C GLN A 25 -5.19 -3.78 -4.44
N GLN A 26 -5.71 -2.62 -4.83
CA GLN A 26 -5.05 -1.79 -5.82
C GLN A 26 -3.70 -1.29 -5.30
N ILE A 27 -3.72 -0.76 -4.10
CA ILE A 27 -2.51 -0.23 -3.48
C ILE A 27 -1.47 -1.34 -3.30
N VAL A 28 -1.86 -2.40 -2.59
CA VAL A 28 -0.96 -3.51 -2.34
C VAL A 28 -0.18 -3.87 -3.61
N ASN A 29 -0.91 -4.29 -4.63
CA ASN A 29 -0.32 -4.67 -5.91
C ASN A 29 0.60 -3.57 -6.46
N LEU A 30 0.32 -2.33 -6.09
CA LEU A 30 1.14 -1.21 -6.57
C LEU A 30 2.51 -1.24 -5.90
N ILE A 31 2.51 -1.06 -4.58
CA ILE A 31 3.75 -1.05 -3.82
C ILE A 31 4.42 -2.41 -3.86
N GLU A 32 3.66 -3.42 -4.28
CA GLU A 32 4.19 -4.76 -4.37
C GLU A 32 5.14 -4.85 -5.56
N GLU A 33 4.68 -4.34 -6.70
CA GLU A 33 5.49 -4.37 -7.92
C GLU A 33 6.81 -3.62 -7.71
N THR A 34 6.83 -2.72 -6.74
CA THR A 34 8.06 -1.96 -6.45
C THR A 34 9.06 -2.84 -5.71
N GLY A 35 8.58 -3.53 -4.68
CA GLY A 35 9.44 -4.41 -3.87
C GLY A 35 9.73 -3.80 -2.50
N HIS A 36 9.14 -2.64 -2.24
CA HIS A 36 9.35 -1.95 -0.97
C HIS A 36 8.35 -2.44 0.09
N PHE A 37 8.35 -3.74 0.35
CA PHE A 37 7.44 -4.31 1.34
C PHE A 37 8.07 -5.50 2.04
N HIS A 38 7.54 -5.85 3.22
CA HIS A 38 8.06 -6.96 4.00
C HIS A 38 6.92 -7.81 4.56
N ILE A 39 6.70 -8.98 3.97
CA ILE A 39 5.65 -9.89 4.44
C ILE A 39 6.26 -10.92 5.39
N THR A 40 5.60 -11.15 6.51
CA THR A 40 6.09 -12.11 7.50
C THR A 40 4.93 -12.80 8.21
N ASN A 41 5.23 -13.91 8.88
CA ASN A 41 4.20 -14.66 9.60
C ASN A 41 2.93 -14.75 8.76
N THR A 42 1.98 -13.86 9.05
CA THR A 42 0.72 -13.84 8.31
C THR A 42 0.14 -12.43 8.32
N THR A 43 0.72 -11.55 7.51
CA THR A 43 0.26 -10.16 7.42
C THR A 43 0.99 -9.45 6.28
N PHE A 44 0.47 -8.29 5.89
CA PHE A 44 1.08 -7.49 4.82
C PHE A 44 1.41 -6.09 5.34
N ASP A 45 2.68 -5.89 5.69
CA ASP A 45 3.12 -4.60 6.22
C ASP A 45 3.86 -3.80 5.14
N PHE A 46 3.63 -2.49 5.11
CA PHE A 46 4.28 -1.63 4.14
C PHE A 46 4.37 -0.20 4.68
N ASP A 47 5.39 0.55 4.27
CA ASP A 47 5.53 1.93 4.73
C ASP A 47 4.98 2.88 3.69
N LEU A 48 4.48 4.03 4.15
CA LEU A 48 3.94 5.05 3.26
C LEU A 48 5.08 5.90 2.69
N CYS A 49 6.04 6.23 3.55
CA CYS A 49 7.18 7.03 3.13
C CYS A 49 8.00 6.30 2.08
N SER A 50 7.60 5.07 1.75
CA SER A 50 8.32 4.29 0.75
C SER A 50 7.69 4.48 -0.64
N LEU A 51 6.73 5.40 -0.73
CA LEU A 51 6.07 5.68 -2.00
C LEU A 51 6.89 6.67 -2.83
N ASP A 52 7.00 6.40 -4.13
CA ASP A 52 7.75 7.29 -5.02
C ASP A 52 6.89 8.47 -5.43
N LYS A 53 7.52 9.63 -5.60
CA LYS A 53 6.79 10.84 -5.98
C LYS A 53 5.72 10.52 -7.03
N THR A 54 6.13 9.90 -8.13
CA THR A 54 5.19 9.54 -9.19
C THR A 54 4.20 8.51 -8.69
N THR A 55 4.62 7.73 -7.68
CA THR A 55 3.75 6.69 -7.12
C THR A 55 2.81 7.29 -6.07
N VAL A 56 3.22 8.41 -5.48
CA VAL A 56 2.39 9.07 -4.47
C VAL A 56 1.11 9.58 -5.11
N ARG A 57 1.24 10.14 -6.30
CA ARG A 57 0.08 10.66 -7.03
C ARG A 57 -0.87 9.53 -7.37
N LYS A 58 -0.31 8.35 -7.62
CA LYS A 58 -1.12 7.18 -7.96
C LYS A 58 -1.70 6.57 -6.69
N LEU A 59 -1.02 6.79 -5.57
CA LEU A 59 -1.47 6.25 -4.30
C LEU A 59 -2.67 7.04 -3.78
N GLN A 60 -2.51 8.35 -3.68
CA GLN A 60 -3.58 9.21 -3.20
C GLN A 60 -4.79 9.16 -4.13
N SER A 61 -4.54 8.83 -5.39
CA SER A 61 -5.62 8.75 -6.38
C SER A 61 -6.58 7.61 -6.04
N TYR A 62 -6.04 6.42 -5.78
CA TYR A 62 -6.87 5.27 -5.46
C TYR A 62 -7.87 5.60 -4.36
N LEU A 63 -7.72 6.78 -3.75
CA LEU A 63 -8.63 7.20 -2.69
C LEU A 63 -9.90 7.78 -3.30
N GLU A 64 -9.76 8.83 -4.10
CA GLU A 64 -10.91 9.46 -4.74
C GLU A 64 -11.44 8.58 -5.86
N THR A 65 -10.78 7.46 -6.10
CA THR A 65 -11.20 6.53 -7.15
C THR A 65 -11.39 7.28 -8.47
N SER A 66 -10.36 7.31 -9.29
CA SER A 66 -10.42 8.00 -10.58
C SER A 66 -11.20 7.16 -11.58
N GLY A 67 -12.13 6.35 -11.08
CA GLY A 67 -12.93 5.50 -11.95
C GLY A 67 -12.06 4.55 -12.76
N THR A 68 -12.63 3.42 -13.16
CA THR A 68 -11.89 2.44 -13.95
C THR A 68 -11.22 3.11 -15.14
N SER A 69 -11.61 4.35 -15.42
CA SER A 69 -11.04 5.08 -16.54
C SER A 69 -11.37 6.57 -16.42
N THR B 1 9.22 11.89 8.16
CA THR B 1 9.19 10.52 7.58
C THR B 1 9.54 9.51 8.66
N ASN B 2 8.82 9.55 9.77
CA ASN B 2 9.07 8.63 10.89
C ASN B 2 8.48 7.26 10.57
N LYS B 3 8.44 6.93 9.29
CA LYS B 3 7.93 5.63 8.85
C LYS B 3 6.49 5.43 9.33
N LEU B 4 5.72 4.71 8.55
CA LEU B 4 4.32 4.42 8.85
C LEU B 4 3.98 3.00 8.42
N PRO B 5 4.18 2.01 9.26
CA PRO B 5 3.89 0.61 8.89
C PRO B 5 2.40 0.29 9.00
N VAL B 6 1.76 0.00 7.86
CA VAL B 6 0.33 -0.34 7.85
C VAL B 6 0.18 -1.84 7.61
N SER B 7 -0.48 -2.52 8.55
CA SER B 7 -0.69 -3.96 8.44
C SER B 7 -2.07 -4.28 7.87
N ILE B 8 -2.11 -5.16 6.87
CA ILE B 8 -3.38 -5.56 6.24
C ILE B 8 -3.52 -7.08 6.25
N PRO B 9 -4.43 -7.65 7.01
CA PRO B 9 -4.61 -9.12 7.05
C PRO B 9 -4.63 -9.73 5.65
N LEU B 10 -3.71 -10.65 5.39
CA LEU B 10 -3.63 -11.29 4.08
C LEU B 10 -4.95 -11.92 3.69
N ALA B 11 -5.85 -12.04 4.65
CA ALA B 11 -7.16 -12.61 4.38
C ALA B 11 -8.03 -11.61 3.62
N SER B 12 -7.72 -10.33 3.81
CA SER B 12 -8.48 -9.26 3.16
C SER B 12 -7.95 -8.97 1.75
N VAL B 13 -6.70 -9.36 1.49
CA VAL B 13 -6.09 -9.12 0.19
C VAL B 13 -5.48 -10.40 -0.36
N VAL B 14 -4.80 -10.26 -1.49
CA VAL B 14 -4.13 -11.39 -2.14
C VAL B 14 -2.78 -10.95 -2.70
N LEU B 15 -1.71 -11.50 -2.12
CA LEU B 15 -0.36 -11.17 -2.56
C LEU B 15 0.07 -12.10 -3.71
N PRO B 16 0.47 -11.57 -4.86
CA PRO B 16 0.91 -12.42 -6.00
C PRO B 16 1.72 -13.63 -5.56
N SER B 17 1.10 -14.81 -5.63
CA SER B 17 1.79 -16.05 -5.26
C SER B 17 2.57 -16.60 -6.44
N ARG B 18 3.48 -17.52 -6.16
CA ARG B 18 4.30 -18.13 -7.20
C ARG B 18 3.44 -18.51 -8.41
N ALA B 19 2.16 -18.76 -8.16
CA ALA B 19 1.26 -19.13 -9.24
C ALA B 19 0.88 -17.91 -10.07
N GLU B 20 0.52 -18.14 -11.33
CA GLU B 20 0.14 -17.04 -12.21
C GLU B 20 -0.82 -16.09 -11.52
N ARG B 21 -0.81 -14.83 -11.92
CA ARG B 21 -1.70 -13.83 -11.33
C ARG B 21 -3.16 -14.22 -11.53
N ALA B 22 -4.06 -13.34 -11.11
CA ALA B 22 -5.49 -13.60 -11.25
C ALA B 22 -5.86 -14.94 -10.62
N ARG B 23 -5.95 -15.97 -11.45
CA ARG B 23 -6.30 -17.30 -10.95
C ARG B 23 -5.08 -17.96 -10.31
N SER B 24 -5.33 -18.93 -9.43
CA SER B 24 -4.25 -19.64 -8.76
C SER B 24 -4.78 -20.91 -8.10
N THR B 25 -5.96 -21.35 -8.52
CA THR B 25 -6.55 -22.56 -7.96
C THR B 25 -5.90 -23.80 -8.55
N ASP A 1 9.45 18.49 1.78
CA ASP A 1 9.12 19.52 2.81
C ASP A 1 8.41 18.86 3.97
N LYS A 2 8.06 19.66 4.98
CA LYS A 2 7.37 19.14 6.15
C LYS A 2 5.95 18.71 5.79
N ALA A 3 5.52 19.06 4.57
CA ALA A 3 4.19 18.70 4.12
C ALA A 3 4.14 17.26 3.64
N TYR A 4 5.20 16.82 2.98
CA TYR A 4 5.27 15.46 2.47
C TYR A 4 4.80 14.47 3.54
N LEU A 5 5.51 14.43 4.66
CA LEU A 5 5.16 13.52 5.74
C LEU A 5 3.65 13.54 5.98
N ASP A 6 3.09 14.74 6.11
CA ASP A 6 1.66 14.89 6.35
C ASP A 6 0.86 14.05 5.35
N GLU A 7 1.20 14.18 4.07
CA GLU A 7 0.51 13.44 3.03
C GLU A 7 0.48 11.96 3.37
N LEU A 8 1.42 11.53 4.21
CA LEU A 8 1.49 10.12 4.62
C LEU A 8 0.58 9.88 5.82
N VAL A 9 0.58 10.80 6.78
CA VAL A 9 -0.23 10.65 7.98
C VAL A 9 -1.71 10.50 7.63
N GLU A 10 -2.28 11.53 7.01
CA GLU A 10 -3.69 11.50 6.63
C GLU A 10 -4.01 10.19 5.93
N LEU A 11 -3.26 9.88 4.88
CA LEU A 11 -3.47 8.66 4.13
C LEU A 11 -3.34 7.46 5.06
N HIS A 12 -2.23 7.38 5.78
CA HIS A 12 -2.01 6.28 6.71
C HIS A 12 -3.25 6.06 7.56
N ARG A 13 -3.66 7.10 8.28
CA ARG A 13 -4.84 7.02 9.12
C ARG A 13 -6.00 6.46 8.32
N ARG A 14 -6.25 7.05 7.16
CA ARG A 14 -7.34 6.60 6.30
C ARG A 14 -7.28 5.09 6.09
N LEU A 15 -6.14 4.60 5.64
CA LEU A 15 -5.97 3.17 5.40
C LEU A 15 -6.22 2.37 6.66
N MET A 16 -5.71 2.87 7.78
CA MET A 16 -5.86 2.18 9.06
C MET A 16 -7.30 1.81 9.33
N THR A 17 -8.22 2.71 9.02
CA THR A 17 -9.65 2.46 9.26
C THR A 17 -10.31 1.90 8.01
N LEU A 18 -9.68 2.11 6.86
CA LEU A 18 -10.24 1.63 5.60
C LEU A 18 -10.43 0.13 5.63
N ARG A 19 -11.68 -0.32 5.52
CA ARG A 19 -11.98 -1.76 5.51
C ARG A 19 -12.28 -2.24 4.10
N GLU A 20 -12.44 -1.30 3.18
CA GLU A 20 -12.72 -1.64 1.79
C GLU A 20 -11.51 -2.31 1.16
N ARG A 21 -11.57 -3.64 1.04
CA ARG A 21 -10.48 -4.39 0.45
C ARG A 21 -10.31 -4.05 -1.03
N HIS A 22 -11.40 -3.69 -1.68
CA HIS A 22 -11.36 -3.34 -3.10
C HIS A 22 -10.18 -2.42 -3.40
N ILE A 23 -9.86 -1.56 -2.43
CA ILE A 23 -8.75 -0.62 -2.58
C ILE A 23 -7.44 -1.27 -2.15
N LEU A 24 -7.46 -1.84 -0.95
CA LEU A 24 -6.27 -2.50 -0.42
C LEU A 24 -5.67 -3.43 -1.45
N GLN A 25 -6.50 -3.91 -2.38
CA GLN A 25 -6.00 -4.81 -3.39
C GLN A 25 -5.16 -4.06 -4.43
N GLN A 26 -5.67 -2.92 -4.87
CA GLN A 26 -4.95 -2.11 -5.85
C GLN A 26 -3.64 -1.59 -5.26
N ILE A 27 -3.74 -0.93 -4.11
CA ILE A 27 -2.57 -0.38 -3.44
C ILE A 27 -1.52 -1.46 -3.22
N VAL A 28 -1.89 -2.49 -2.48
CA VAL A 28 -0.95 -3.57 -2.18
C VAL A 28 -0.14 -3.93 -3.42
N ASN A 29 -0.81 -4.39 -4.47
CA ASN A 29 -0.15 -4.77 -5.70
C ASN A 29 0.64 -3.61 -6.29
N LEU A 30 0.30 -2.39 -5.92
CA LEU A 30 1.01 -1.22 -6.44
C LEU A 30 2.43 -1.17 -5.90
N ILE A 31 2.54 -1.09 -4.58
CA ILE A 31 3.85 -1.02 -3.95
C ILE A 31 4.58 -2.36 -4.12
N GLU A 32 3.82 -3.44 -3.97
CA GLU A 32 4.39 -4.77 -4.11
C GLU A 32 5.31 -4.81 -5.34
N GLU A 33 4.81 -4.27 -6.44
CA GLU A 33 5.58 -4.23 -7.68
C GLU A 33 6.88 -3.45 -7.48
N THR A 34 6.86 -2.51 -6.54
CA THR A 34 8.06 -1.71 -6.25
C THR A 34 9.14 -2.56 -5.60
N GLY A 35 8.75 -3.30 -4.56
CA GLY A 35 9.70 -4.16 -3.85
C GLY A 35 9.95 -3.67 -2.42
N HIS A 36 9.50 -2.45 -2.13
CA HIS A 36 9.69 -1.88 -0.80
C HIS A 36 8.62 -2.37 0.17
N PHE A 37 8.70 -3.64 0.55
CA PHE A 37 7.73 -4.21 1.48
C PHE A 37 8.33 -5.43 2.18
N HIS A 38 7.67 -5.84 3.26
CA HIS A 38 8.10 -6.99 4.05
C HIS A 38 6.87 -7.76 4.57
N ILE A 39 6.51 -8.84 3.88
CA ILE A 39 5.36 -9.65 4.31
C ILE A 39 5.80 -10.62 5.40
N THR A 40 5.16 -10.53 6.56
CA THR A 40 5.49 -11.40 7.69
C THR A 40 4.79 -12.75 7.56
N ASN A 41 4.69 -13.46 8.68
CA ASN A 41 4.04 -14.78 8.68
C ASN A 41 2.76 -14.74 7.86
N THR A 42 1.75 -14.02 8.37
CA THR A 42 0.47 -13.90 7.68
C THR A 42 -0.07 -12.48 7.83
N THR A 43 0.52 -11.57 7.07
CA THR A 43 0.10 -10.17 7.10
C THR A 43 0.86 -9.40 6.01
N PHE A 44 0.33 -8.24 5.63
CA PHE A 44 0.97 -7.41 4.61
C PHE A 44 1.26 -6.03 5.19
N ASP A 45 2.53 -5.78 5.51
CA ASP A 45 2.94 -4.49 6.09
C ASP A 45 3.73 -3.66 5.08
N PHE A 46 3.48 -2.36 5.07
CA PHE A 46 4.17 -1.45 4.16
C PHE A 46 4.21 -0.05 4.77
N ASP A 47 5.21 0.75 4.42
CA ASP A 47 5.30 2.12 4.93
C ASP A 47 4.83 3.10 3.86
N LEU A 48 4.21 4.20 4.29
CA LEU A 48 3.71 5.20 3.34
C LEU A 48 4.85 6.09 2.87
N CYS A 49 5.99 5.98 3.53
CA CYS A 49 7.16 6.79 3.19
C CYS A 49 7.97 6.12 2.08
N SER A 50 7.59 4.88 1.75
CA SER A 50 8.29 4.13 0.71
C SER A 50 7.66 4.37 -0.66
N LEU A 51 6.69 5.28 -0.69
CA LEU A 51 6.00 5.61 -1.94
C LEU A 51 6.79 6.62 -2.75
N ASP A 52 6.99 6.35 -4.03
CA ASP A 52 7.73 7.27 -4.89
C ASP A 52 6.84 8.45 -5.25
N LYS A 53 7.47 9.58 -5.57
CA LYS A 53 6.73 10.77 -5.93
C LYS A 53 5.64 10.46 -6.95
N THR A 54 6.03 9.86 -8.06
CA THR A 54 5.06 9.51 -9.10
C THR A 54 4.10 8.44 -8.60
N THR A 55 4.52 7.70 -7.57
CA THR A 55 3.69 6.64 -7.00
C THR A 55 2.74 7.22 -5.96
N VAL A 56 3.13 8.32 -5.33
CA VAL A 56 2.29 8.95 -4.32
C VAL A 56 1.01 9.48 -4.97
N ARG A 57 1.14 10.03 -6.17
CA ARG A 57 -0.01 10.55 -6.89
C ARG A 57 -0.95 9.42 -7.29
N LYS A 58 -0.36 8.25 -7.55
CA LYS A 58 -1.15 7.08 -7.94
C LYS A 58 -1.74 6.42 -6.70
N LEU A 59 -1.10 6.64 -5.57
CA LEU A 59 -1.55 6.06 -4.31
C LEU A 59 -2.79 6.80 -3.80
N GLN A 60 -2.68 8.13 -3.72
CA GLN A 60 -3.77 8.96 -3.25
C GLN A 60 -4.97 8.90 -4.20
N SER A 61 -4.70 8.61 -5.47
CA SER A 61 -5.77 8.52 -6.46
C SER A 61 -6.73 7.37 -6.12
N TYR A 62 -6.16 6.19 -5.87
CA TYR A 62 -6.97 5.02 -5.54
C TYR A 62 -8.02 5.35 -4.47
N LEU A 63 -7.69 6.33 -3.62
CA LEU A 63 -8.62 6.73 -2.55
C LEU A 63 -9.46 7.92 -3.00
N GLU A 64 -9.06 8.53 -4.12
CA GLU A 64 -9.79 9.67 -4.66
C GLU A 64 -9.64 9.73 -6.18
N THR A 65 -10.09 8.67 -6.85
CA THR A 65 -10.01 8.60 -8.30
C THR A 65 -10.82 9.72 -8.95
N SER A 66 -10.17 10.49 -9.82
CA SER A 66 -10.85 11.59 -10.50
C SER A 66 -11.70 11.07 -11.65
N GLY A 67 -12.77 11.79 -11.96
CA GLY A 67 -13.67 11.39 -13.04
C GLY A 67 -14.68 12.48 -13.35
N THR A 68 -14.33 13.37 -14.27
CA THR A 68 -15.22 14.47 -14.64
C THR A 68 -16.54 13.92 -15.18
N SER A 69 -16.61 12.60 -15.32
CA SER A 69 -17.83 11.97 -15.82
C SER A 69 -18.16 12.48 -17.22
N THR B 1 6.35 8.22 13.47
CA THR B 1 7.59 8.99 13.19
C THR B 1 7.85 8.99 11.68
N ASN B 2 9.11 8.88 11.28
CA ASN B 2 9.47 8.87 9.88
C ASN B 2 9.10 7.54 9.23
N LYS B 3 7.95 7.01 9.65
CA LYS B 3 7.47 5.75 9.11
C LYS B 3 6.02 5.49 9.55
N LEU B 4 5.25 4.85 8.69
CA LEU B 4 3.86 4.54 8.98
C LEU B 4 3.54 3.11 8.55
N PRO B 5 3.74 2.14 9.38
CA PRO B 5 3.47 0.73 9.01
C PRO B 5 1.98 0.42 9.04
N VAL B 6 1.47 -0.21 7.97
CA VAL B 6 0.06 -0.59 7.89
C VAL B 6 -0.03 -2.07 7.56
N SER B 7 -0.43 -2.87 8.56
CA SER B 7 -0.57 -4.31 8.37
C SER B 7 -1.98 -4.65 7.90
N ILE B 8 -2.08 -5.41 6.80
CA ILE B 8 -3.38 -5.80 6.25
C ILE B 8 -3.49 -7.33 6.13
N PRO B 9 -4.36 -7.97 6.88
CA PRO B 9 -4.51 -9.46 6.80
C PRO B 9 -4.49 -9.97 5.36
N LEU B 10 -3.65 -10.96 5.10
CA LEU B 10 -3.54 -11.54 3.77
C LEU B 10 -4.87 -12.16 3.33
N ALA B 11 -5.77 -12.32 4.29
CA ALA B 11 -7.08 -12.89 4.00
C ALA B 11 -7.97 -11.82 3.37
N SER B 12 -7.64 -10.56 3.63
CA SER B 12 -8.43 -9.44 3.11
C SER B 12 -7.92 -9.00 1.75
N VAL B 13 -6.72 -9.46 1.38
CA VAL B 13 -6.11 -9.10 0.10
C VAL B 13 -5.45 -10.32 -0.52
N VAL B 14 -4.68 -10.07 -1.59
CA VAL B 14 -3.96 -11.13 -2.28
C VAL B 14 -2.59 -10.63 -2.70
N LEU B 15 -1.62 -11.54 -2.70
CA LEU B 15 -0.24 -11.21 -3.07
C LEU B 15 0.10 -11.83 -4.43
N PRO B 16 0.09 -11.06 -5.50
CA PRO B 16 0.44 -11.59 -6.86
C PRO B 16 1.82 -12.28 -6.88
N SER B 17 1.88 -13.50 -6.38
CA SER B 17 3.14 -14.23 -6.35
C SER B 17 2.96 -15.61 -5.70
N ARG B 18 1.70 -16.01 -5.52
CA ARG B 18 1.40 -17.30 -4.91
C ARG B 18 2.17 -18.41 -5.60
N ALA B 19 2.17 -18.39 -6.93
CA ALA B 19 2.88 -19.41 -7.70
C ALA B 19 3.17 -18.91 -9.11
N GLU B 20 4.44 -18.91 -9.48
CA GLU B 20 4.84 -18.46 -10.81
C GLU B 20 4.51 -19.52 -11.86
N ARG B 21 5.33 -20.55 -11.93
CA ARG B 21 5.11 -21.63 -12.90
C ARG B 21 5.93 -22.85 -12.53
N ALA B 22 7.25 -22.68 -12.45
CA ALA B 22 8.14 -23.78 -12.11
C ALA B 22 9.48 -23.25 -11.62
N ARG B 23 9.54 -22.86 -10.34
CA ARG B 23 10.76 -22.34 -9.76
C ARG B 23 11.28 -21.16 -10.58
N SER B 24 10.53 -20.05 -10.56
CA SER B 24 10.93 -18.87 -11.30
C SER B 24 11.09 -19.18 -12.78
N THR B 25 10.23 -18.59 -13.60
CA THR B 25 10.28 -18.82 -15.04
C THR B 25 11.61 -18.32 -15.61
N ASP A 1 10.63 20.00 5.03
CA ASP A 1 9.19 20.35 4.80
C ASP A 1 8.32 19.27 5.42
N LYS A 2 7.45 19.68 6.35
CA LYS A 2 6.55 18.74 7.01
C LYS A 2 5.38 18.38 6.11
N ALA A 3 5.27 19.09 4.98
CA ALA A 3 4.19 18.83 4.04
C ALA A 3 4.16 17.36 3.64
N TYR A 4 5.25 16.88 3.05
CA TYR A 4 5.33 15.49 2.63
C TYR A 4 4.79 14.57 3.73
N LEU A 5 5.44 14.60 4.89
CA LEU A 5 5.01 13.75 6.01
C LEU A 5 3.48 13.80 6.16
N ASP A 6 2.93 15.01 6.16
CA ASP A 6 1.49 15.17 6.29
C ASP A 6 0.75 14.28 5.30
N GLU A 7 1.26 14.23 4.07
CA GLU A 7 0.63 13.40 3.03
C GLU A 7 0.65 11.93 3.44
N LEU A 8 1.64 11.57 4.26
CA LEU A 8 1.76 10.19 4.73
C LEU A 8 0.87 9.95 5.95
N VAL A 9 0.90 10.89 6.88
CA VAL A 9 0.10 10.77 8.09
C VAL A 9 -1.38 10.65 7.76
N GLU A 10 -1.93 11.68 7.13
CA GLU A 10 -3.34 11.67 6.75
C GLU A 10 -3.67 10.37 6.02
N LEU A 11 -2.90 10.06 4.99
CA LEU A 11 -3.13 8.85 4.22
C LEU A 11 -3.09 7.63 5.15
N HIS A 12 -2.02 7.56 5.95
CA HIS A 12 -1.87 6.46 6.89
C HIS A 12 -3.12 6.30 7.75
N ARG A 13 -3.50 7.39 8.42
CA ARG A 13 -4.67 7.38 9.28
C ARG A 13 -5.87 6.78 8.55
N ARG A 14 -6.13 7.30 7.35
CA ARG A 14 -7.26 6.83 6.56
C ARG A 14 -7.10 5.36 6.21
N LEU A 15 -5.88 4.94 5.89
CA LEU A 15 -5.63 3.55 5.54
C LEU A 15 -5.92 2.64 6.72
N MET A 16 -5.48 3.05 7.90
CA MET A 16 -5.69 2.26 9.11
C MET A 16 -7.16 1.92 9.31
N THR A 17 -8.04 2.86 9.01
CA THR A 17 -9.48 2.64 9.15
C THR A 17 -10.05 2.08 7.86
N LEU A 18 -9.37 2.31 6.75
CA LEU A 18 -9.83 1.84 5.46
C LEU A 18 -10.10 0.34 5.49
N ARG A 19 -11.16 -0.08 4.80
CA ARG A 19 -11.53 -1.50 4.74
C ARG A 19 -11.91 -1.88 3.32
N GLU A 20 -11.77 -0.92 2.39
CA GLU A 20 -12.10 -1.17 1.00
C GLU A 20 -11.29 -2.35 0.45
N ARG A 21 -11.96 -3.46 0.21
CA ARG A 21 -11.29 -4.65 -0.31
C ARG A 21 -10.91 -4.45 -1.78
N HIS A 22 -11.61 -3.54 -2.46
CA HIS A 22 -11.33 -3.29 -3.87
C HIS A 22 -10.08 -2.41 -4.00
N ILE A 23 -9.80 -1.59 -3.00
CA ILE A 23 -8.62 -0.73 -3.03
C ILE A 23 -7.41 -1.47 -2.47
N LEU A 24 -7.57 -2.04 -1.27
CA LEU A 24 -6.49 -2.77 -0.62
C LEU A 24 -5.84 -3.73 -1.62
N GLN A 25 -6.60 -4.17 -2.61
CA GLN A 25 -6.07 -5.08 -3.61
C GLN A 25 -5.23 -4.34 -4.65
N GLN A 26 -5.74 -3.18 -5.07
CA GLN A 26 -5.04 -2.37 -6.06
C GLN A 26 -3.71 -1.85 -5.51
N ILE A 27 -3.79 -1.21 -4.35
CA ILE A 27 -2.60 -0.66 -3.70
C ILE A 27 -1.53 -1.74 -3.53
N VAL A 28 -1.89 -2.80 -2.82
CA VAL A 28 -0.95 -3.89 -2.57
C VAL A 28 -0.15 -4.21 -3.83
N ASN A 29 -0.85 -4.57 -4.90
CA ASN A 29 -0.21 -4.91 -6.16
C ASN A 29 0.57 -3.72 -6.71
N LEU A 30 0.23 -2.51 -6.27
CA LEU A 30 0.91 -1.31 -6.76
C LEU A 30 2.32 -1.25 -6.20
N ILE A 31 2.43 -1.16 -4.88
CA ILE A 31 3.72 -1.08 -4.25
C ILE A 31 4.50 -2.38 -4.43
N GLU A 32 3.82 -3.50 -4.17
CA GLU A 32 4.46 -4.80 -4.29
C GLU A 32 5.32 -4.85 -5.56
N GLU A 33 4.80 -4.29 -6.64
CA GLU A 33 5.52 -4.26 -7.91
C GLU A 33 6.79 -3.43 -7.79
N THR A 34 6.73 -2.37 -6.98
CA THR A 34 7.88 -1.49 -6.80
C THR A 34 9.00 -2.21 -6.02
N GLY A 35 8.64 -2.79 -4.89
CA GLY A 35 9.61 -3.51 -4.06
C GLY A 35 9.64 -2.95 -2.63
N HIS A 36 9.10 -1.76 -2.46
CA HIS A 36 9.08 -1.12 -1.15
C HIS A 36 8.04 -1.74 -0.22
N PHE A 37 8.01 -3.07 -0.15
CA PHE A 37 7.04 -3.77 0.71
C PHE A 37 7.70 -4.94 1.43
N HIS A 38 7.12 -5.29 2.58
CA HIS A 38 7.60 -6.41 3.39
C HIS A 38 6.41 -7.21 3.92
N ILE A 39 6.45 -8.53 3.70
CA ILE A 39 5.37 -9.41 4.18
C ILE A 39 5.90 -10.28 5.32
N THR A 40 5.25 -10.18 6.48
CA THR A 40 5.68 -10.95 7.66
C THR A 40 5.04 -12.34 7.64
N ASN A 41 5.02 -12.98 8.81
CA ASN A 41 4.45 -14.32 8.93
C ASN A 41 3.15 -14.42 8.14
N THR A 42 2.11 -13.71 8.60
CA THR A 42 0.83 -13.72 7.92
C THR A 42 0.17 -12.34 8.00
N THR A 43 0.68 -11.41 7.21
CA THR A 43 0.14 -10.05 7.17
C THR A 43 0.83 -9.27 6.05
N PHE A 44 0.26 -8.13 5.68
CA PHE A 44 0.86 -7.29 4.63
C PHE A 44 1.23 -5.93 5.21
N ASP A 45 2.52 -5.72 5.48
CA ASP A 45 2.98 -4.46 6.05
C ASP A 45 3.73 -3.62 5.03
N PHE A 46 3.47 -2.31 5.05
CA PHE A 46 4.11 -1.39 4.12
C PHE A 46 4.17 0.01 4.72
N ASP A 47 5.31 0.69 4.57
CA ASP A 47 5.46 2.05 5.11
C ASP A 47 5.06 3.08 4.06
N LEU A 48 4.44 4.17 4.51
CA LEU A 48 4.01 5.23 3.62
C LEU A 48 5.20 6.09 3.21
N CYS A 49 6.27 6.04 4.00
CA CYS A 49 7.47 6.82 3.71
C CYS A 49 8.34 6.10 2.70
N SER A 50 7.98 4.85 2.40
CA SER A 50 8.73 4.05 1.44
C SER A 50 8.08 4.12 0.06
N LEU A 51 7.18 5.09 -0.10
CA LEU A 51 6.49 5.28 -1.37
C LEU A 51 7.28 6.20 -2.30
N ASP A 52 6.97 6.15 -3.59
CA ASP A 52 7.64 6.99 -4.58
C ASP A 52 6.72 8.13 -4.99
N LYS A 53 7.30 9.31 -5.17
CA LYS A 53 6.51 10.49 -5.54
C LYS A 53 5.44 10.14 -6.57
N THR A 54 5.86 9.55 -7.69
CA THR A 54 4.92 9.17 -8.73
C THR A 54 3.98 8.08 -8.25
N THR A 55 4.44 7.31 -7.26
CA THR A 55 3.63 6.23 -6.71
C THR A 55 2.65 6.78 -5.67
N VAL A 56 3.04 7.87 -5.00
CA VAL A 56 2.18 8.47 -4.00
C VAL A 56 0.92 9.02 -4.65
N ARG A 57 1.08 9.60 -5.83
CA ARG A 57 -0.05 10.17 -6.56
C ARG A 57 -0.95 9.07 -7.13
N LYS A 58 -0.36 7.89 -7.32
CA LYS A 58 -1.12 6.76 -7.86
C LYS A 58 -1.88 6.06 -6.73
N LEU A 59 -1.39 6.20 -5.51
CA LEU A 59 -2.03 5.58 -4.35
C LEU A 59 -3.21 6.43 -3.88
N GLN A 60 -2.90 7.62 -3.39
CA GLN A 60 -3.93 8.53 -2.90
C GLN A 60 -5.13 8.56 -3.85
N SER A 61 -4.86 8.30 -5.13
CA SER A 61 -5.93 8.31 -6.13
C SER A 61 -6.89 7.13 -5.91
N TYR A 62 -6.34 5.92 -5.81
CA TYR A 62 -7.18 4.74 -5.61
C TYR A 62 -8.24 4.99 -4.53
N LEU A 63 -8.05 6.05 -3.76
CA LEU A 63 -9.00 6.39 -2.70
C LEU A 63 -10.08 7.34 -3.22
N GLU A 64 -9.65 8.40 -3.89
CA GLU A 64 -10.58 9.38 -4.44
C GLU A 64 -11.55 9.85 -3.37
N THR A 65 -11.07 9.93 -2.13
CA THR A 65 -11.90 10.37 -1.02
C THR A 65 -13.30 9.76 -1.10
N SER A 66 -13.38 8.44 -0.86
CA SER A 66 -14.66 7.75 -0.92
C SER A 66 -15.55 8.16 0.25
N GLY A 67 -15.99 9.42 0.23
CA GLY A 67 -16.85 9.92 1.29
C GLY A 67 -18.26 9.36 1.18
N THR A 68 -19.09 9.66 2.16
CA THR A 68 -20.47 9.17 2.17
C THR A 68 -21.24 9.74 0.99
N SER A 69 -22.10 8.91 0.40
CA SER A 69 -22.89 9.35 -0.75
C SER A 69 -23.90 8.28 -1.14
N THR B 1 8.08 10.49 14.15
CA THR B 1 7.90 9.11 13.63
C THR B 1 8.00 9.12 12.11
N ASN B 2 9.23 9.10 11.60
CA ASN B 2 9.45 9.10 10.16
C ASN B 2 9.11 7.74 9.56
N LYS B 3 8.06 7.13 10.08
CA LYS B 3 7.63 5.82 9.60
C LYS B 3 6.16 5.59 9.96
N LEU B 4 5.45 4.90 9.07
CA LEU B 4 4.03 4.61 9.27
C LEU B 4 3.74 3.18 8.83
N PRO B 5 3.87 2.21 9.69
CA PRO B 5 3.61 0.80 9.31
C PRO B 5 2.11 0.49 9.31
N VAL B 6 1.62 -0.12 8.22
CA VAL B 6 0.21 -0.50 8.13
C VAL B 6 0.10 -1.98 7.80
N SER B 7 -0.31 -2.78 8.80
CA SER B 7 -0.44 -4.22 8.62
C SER B 7 -1.90 -4.62 8.37
N ILE B 8 -2.13 -5.32 7.26
CA ILE B 8 -3.47 -5.77 6.89
C ILE B 8 -3.46 -7.31 6.74
N PRO B 9 -4.51 -8.00 7.13
CA PRO B 9 -4.55 -9.49 7.02
C PRO B 9 -4.61 -9.96 5.57
N LEU B 10 -3.78 -10.94 5.24
CA LEU B 10 -3.71 -11.48 3.89
C LEU B 10 -5.04 -12.09 3.47
N ALA B 11 -5.94 -12.27 4.42
CA ALA B 11 -7.25 -12.83 4.12
C ALA B 11 -8.10 -11.79 3.39
N SER B 12 -7.77 -10.51 3.60
CA SER B 12 -8.53 -9.43 2.98
C SER B 12 -8.00 -9.12 1.57
N VAL B 13 -6.84 -9.67 1.23
CA VAL B 13 -6.24 -9.44 -0.08
C VAL B 13 -5.64 -10.73 -0.62
N VAL B 14 -4.98 -10.62 -1.77
CA VAL B 14 -4.35 -11.76 -2.42
C VAL B 14 -3.01 -11.35 -3.00
N LEU B 15 -1.94 -11.96 -2.49
CA LEU B 15 -0.60 -11.65 -2.97
C LEU B 15 -0.31 -12.42 -4.26
N PRO B 16 0.51 -11.89 -5.13
CA PRO B 16 0.85 -12.56 -6.42
C PRO B 16 1.78 -13.77 -6.22
N SER B 17 1.26 -14.95 -6.50
CA SER B 17 2.05 -16.17 -6.35
C SER B 17 3.15 -16.22 -7.40
N ARG B 18 4.38 -16.42 -6.95
CA ARG B 18 5.52 -16.50 -7.86
C ARG B 18 5.43 -17.74 -8.73
N ALA B 19 5.43 -18.91 -8.09
CA ALA B 19 5.35 -20.17 -8.83
C ALA B 19 3.92 -20.44 -9.28
N GLU B 20 3.78 -21.23 -10.33
CA GLU B 20 2.45 -21.56 -10.86
C GLU B 20 2.52 -22.85 -11.68
N ARG B 21 3.65 -23.07 -12.33
CA ARG B 21 3.83 -24.27 -13.14
C ARG B 21 5.27 -24.40 -13.61
N ALA B 22 5.70 -23.49 -14.48
CA ALA B 22 7.06 -23.51 -14.99
C ALA B 22 7.41 -22.19 -15.66
N ARG B 23 8.53 -22.16 -16.37
CA ARG B 23 8.96 -20.95 -17.05
C ARG B 23 10.14 -21.25 -17.98
N SER B 24 10.17 -20.56 -19.11
CA SER B 24 11.25 -20.76 -20.08
C SER B 24 11.31 -19.60 -21.07
N THR B 25 10.32 -19.53 -21.95
CA THR B 25 10.28 -18.46 -22.94
C THR B 25 9.91 -17.13 -22.28
N ASP A 1 10.99 18.75 4.11
CA ASP A 1 9.72 19.53 4.21
C ASP A 1 8.80 18.86 5.23
N LYS A 2 7.56 19.36 5.34
CA LYS A 2 6.59 18.82 6.29
C LYS A 2 5.31 18.42 5.57
N ALA A 3 5.10 18.98 4.38
CA ALA A 3 3.91 18.67 3.60
C ALA A 3 3.88 17.19 3.24
N TYR A 4 4.99 16.70 2.67
CA TYR A 4 5.06 15.31 2.27
C TYR A 4 4.52 14.39 3.37
N LEU A 5 5.15 14.42 4.53
CA LEU A 5 4.71 13.59 5.65
C LEU A 5 3.19 13.64 5.78
N ASP A 6 2.64 14.85 5.81
CA ASP A 6 1.20 15.03 5.95
C ASP A 6 0.46 14.13 4.96
N GLU A 7 0.96 14.08 3.73
CA GLU A 7 0.34 13.25 2.70
C GLU A 7 0.36 11.78 3.12
N LEU A 8 1.36 11.41 3.92
CA LEU A 8 1.48 10.03 4.37
C LEU A 8 0.58 9.80 5.58
N VAL A 9 0.59 10.72 6.53
CA VAL A 9 -0.25 10.60 7.71
C VAL A 9 -1.71 10.41 7.31
N GLU A 10 -2.22 11.39 6.56
CA GLU A 10 -3.62 11.35 6.10
C GLU A 10 -3.93 9.95 5.58
N LEU A 11 -3.15 9.49 4.61
CA LEU A 11 -3.37 8.16 4.05
C LEU A 11 -3.26 7.11 5.16
N HIS A 12 -2.14 7.13 5.87
CA HIS A 12 -1.91 6.17 6.94
C HIS A 12 -3.15 6.04 7.82
N ARG A 13 -3.52 7.13 8.49
CA ARG A 13 -4.67 7.14 9.37
C ARG A 13 -5.89 6.55 8.65
N ARG A 14 -6.16 7.05 7.45
CA ARG A 14 -7.31 6.58 6.68
C ARG A 14 -7.18 5.09 6.38
N LEU A 15 -5.96 4.65 6.06
CA LEU A 15 -5.73 3.25 5.74
C LEU A 15 -6.01 2.36 6.96
N MET A 16 -5.51 2.80 8.11
CA MET A 16 -5.70 2.04 9.35
C MET A 16 -7.16 1.71 9.59
N THR A 17 -8.03 2.66 9.27
CA THR A 17 -9.47 2.47 9.45
C THR A 17 -10.09 1.88 8.19
N LEU A 18 -9.42 2.07 7.06
CA LEU A 18 -9.93 1.54 5.79
C LEU A 18 -10.18 0.05 5.89
N ARG A 19 -11.27 -0.42 5.28
CA ARG A 19 -11.62 -1.84 5.30
C ARG A 19 -12.06 -2.30 3.92
N GLU A 20 -12.00 -1.39 2.96
CA GLU A 20 -12.40 -1.71 1.59
C GLU A 20 -11.29 -2.45 0.87
N ARG A 21 -11.45 -3.76 0.70
CA ARG A 21 -10.45 -4.58 0.03
C ARG A 21 -10.22 -4.10 -1.41
N HIS A 22 -11.31 -3.68 -2.07
CA HIS A 22 -11.20 -3.20 -3.45
C HIS A 22 -10.00 -2.29 -3.61
N ILE A 23 -9.67 -1.54 -2.57
CA ILE A 23 -8.54 -0.62 -2.60
C ILE A 23 -7.27 -1.34 -2.17
N LEU A 24 -7.31 -1.96 -1.00
CA LEU A 24 -6.15 -2.67 -0.49
C LEU A 24 -5.59 -3.60 -1.56
N GLN A 25 -6.42 -3.98 -2.51
CA GLN A 25 -5.96 -4.87 -3.59
C GLN A 25 -5.19 -4.08 -4.64
N GLN A 26 -5.70 -2.91 -4.99
CA GLN A 26 -5.06 -2.07 -5.99
C GLN A 26 -3.72 -1.55 -5.48
N ILE A 27 -3.73 -0.97 -4.29
CA ILE A 27 -2.51 -0.44 -3.69
C ILE A 27 -1.47 -1.54 -3.53
N VAL A 28 -1.82 -2.59 -2.81
CA VAL A 28 -0.89 -3.70 -2.58
C VAL A 28 -0.15 -4.04 -3.87
N ASN A 29 -0.91 -4.40 -4.90
CA ASN A 29 -0.33 -4.74 -6.19
C ASN A 29 0.49 -3.59 -6.76
N LEU A 30 0.17 -2.37 -6.33
CA LEU A 30 0.88 -1.18 -6.82
C LEU A 30 2.28 -1.15 -6.22
N ILE A 31 2.35 -1.00 -4.90
CA ILE A 31 3.65 -0.93 -4.26
C ILE A 31 4.39 -2.25 -4.39
N GLU A 32 3.70 -3.35 -4.07
CA GLU A 32 4.31 -4.66 -4.16
C GLU A 32 5.06 -4.79 -5.48
N GLU A 33 4.44 -4.28 -6.54
CA GLU A 33 5.03 -4.30 -7.87
C GLU A 33 6.31 -3.45 -7.90
N THR A 34 6.25 -2.30 -7.24
CA THR A 34 7.39 -1.38 -7.21
C THR A 34 8.52 -1.98 -6.37
N GLY A 35 8.19 -2.42 -5.16
CA GLY A 35 9.18 -3.00 -4.25
C GLY A 35 9.35 -2.10 -3.01
N HIS A 36 8.81 -2.55 -1.89
CA HIS A 36 8.90 -1.81 -0.64
C HIS A 36 7.88 -2.37 0.37
N PHE A 37 7.89 -3.68 0.55
CA PHE A 37 6.96 -4.35 1.48
C PHE A 37 7.66 -5.44 2.26
N HIS A 38 7.17 -5.68 3.47
CA HIS A 38 7.72 -6.72 4.35
C HIS A 38 6.59 -7.63 4.83
N ILE A 39 6.39 -8.74 4.11
CA ILE A 39 5.35 -9.72 4.47
C ILE A 39 5.94 -10.77 5.41
N THR A 40 5.21 -11.09 6.47
CA THR A 40 5.67 -12.10 7.44
C THR A 40 4.50 -12.85 8.03
N ASN A 41 4.74 -14.08 8.47
CA ASN A 41 3.69 -14.90 9.06
C ASN A 41 2.43 -14.84 8.21
N THR A 42 1.52 -13.93 8.56
CA THR A 42 0.29 -13.76 7.82
C THR A 42 -0.21 -12.32 7.92
N THR A 43 0.41 -11.43 7.15
CA THR A 43 0.03 -10.02 7.16
C THR A 43 0.80 -9.28 6.06
N PHE A 44 0.31 -8.09 5.70
CA PHE A 44 0.96 -7.27 4.67
C PHE A 44 1.33 -5.90 5.25
N ASP A 45 2.60 -5.73 5.60
CA ASP A 45 3.06 -4.47 6.17
C ASP A 45 3.80 -3.64 5.13
N PHE A 46 3.55 -2.33 5.12
CA PHE A 46 4.20 -1.43 4.17
C PHE A 46 4.28 -0.02 4.75
N ASP A 47 5.42 0.64 4.59
CA ASP A 47 5.59 2.00 5.10
C ASP A 47 5.19 3.01 4.02
N LEU A 48 4.41 4.01 4.41
CA LEU A 48 3.97 5.03 3.47
C LEU A 48 5.14 5.91 3.06
N CYS A 49 6.20 5.88 3.86
CA CYS A 49 7.39 6.68 3.58
C CYS A 49 8.27 5.96 2.57
N SER A 50 7.93 4.72 2.28
CA SER A 50 8.69 3.91 1.32
C SER A 50 8.13 4.08 -0.09
N LEU A 51 7.23 5.03 -0.25
CA LEU A 51 6.62 5.29 -1.55
C LEU A 51 7.49 6.25 -2.36
N ASP A 52 6.99 6.65 -3.53
CA ASP A 52 7.71 7.59 -4.40
C ASP A 52 6.78 8.70 -4.85
N LYS A 53 7.26 9.93 -4.78
CA LYS A 53 6.46 11.08 -5.16
C LYS A 53 5.60 10.79 -6.40
N THR A 54 6.23 10.22 -7.43
CA THR A 54 5.50 9.89 -8.65
C THR A 54 4.50 8.76 -8.40
N THR A 55 4.83 7.89 -7.45
CA THR A 55 3.96 6.77 -7.12
C THR A 55 2.90 7.17 -6.10
N VAL A 56 3.19 8.23 -5.35
CA VAL A 56 2.27 8.71 -4.33
C VAL A 56 1.05 9.36 -5.00
N ARG A 57 1.26 9.93 -6.18
CA ARG A 57 0.19 10.58 -6.91
C ARG A 57 -0.73 9.53 -7.53
N LYS A 58 -0.17 8.37 -7.86
CA LYS A 58 -0.95 7.29 -8.44
C LYS A 58 -1.68 6.52 -7.33
N LEU A 59 -1.13 6.60 -6.12
CA LEU A 59 -1.71 5.91 -4.98
C LEU A 59 -2.87 6.73 -4.39
N GLN A 60 -2.54 7.90 -3.86
CA GLN A 60 -3.57 8.76 -3.27
C GLN A 60 -4.81 8.82 -4.17
N SER A 61 -4.62 8.59 -5.46
CA SER A 61 -5.74 8.62 -6.40
C SER A 61 -6.73 7.50 -6.08
N TYR A 62 -6.24 6.28 -5.89
CA TYR A 62 -7.11 5.16 -5.58
C TYR A 62 -8.10 5.53 -4.46
N LEU A 63 -7.82 6.66 -3.79
CA LEU A 63 -8.67 7.12 -2.71
C LEU A 63 -9.51 8.31 -3.17
N GLU A 64 -8.93 9.14 -4.04
CA GLU A 64 -9.62 10.31 -4.56
C GLU A 64 -10.04 11.23 -3.42
N THR A 65 -9.14 12.14 -3.06
CA THR A 65 -9.41 13.10 -1.98
C THR A 65 -8.69 14.41 -2.23
N SER A 66 -9.35 15.52 -1.91
CA SER A 66 -8.76 16.83 -2.11
C SER A 66 -8.41 17.05 -3.58
N GLY A 67 -9.39 16.88 -4.44
CA GLY A 67 -9.16 17.05 -5.87
C GLY A 67 -8.90 18.52 -6.22
N THR A 68 -9.98 19.29 -6.33
CA THR A 68 -9.86 20.71 -6.65
C THR A 68 -9.08 21.44 -5.55
N SER A 69 -8.36 22.48 -5.93
CA SER A 69 -7.58 23.26 -4.98
C SER A 69 -8.50 24.11 -4.10
N THR B 1 8.21 11.22 8.49
CA THR B 1 9.54 10.55 8.49
C THR B 1 9.61 9.56 9.64
N ASN B 2 8.65 9.64 10.55
CA ASN B 2 8.61 8.73 11.69
C ASN B 2 8.07 7.37 11.28
N LYS B 3 8.15 7.08 9.99
CA LYS B 3 7.67 5.82 9.46
C LYS B 3 6.20 5.60 9.78
N LEU B 4 5.49 4.90 8.91
CA LEU B 4 4.07 4.62 9.09
C LEU B 4 3.79 3.18 8.69
N PRO B 5 3.95 2.24 9.59
CA PRO B 5 3.70 0.81 9.27
C PRO B 5 2.20 0.49 9.32
N VAL B 6 1.69 -0.12 8.26
CA VAL B 6 0.28 -0.51 8.20
C VAL B 6 0.17 -1.99 7.86
N SER B 7 -0.20 -2.80 8.86
CA SER B 7 -0.33 -4.24 8.66
C SER B 7 -1.79 -4.62 8.41
N ILE B 8 -2.03 -5.34 7.32
CA ILE B 8 -3.38 -5.78 6.95
C ILE B 8 -3.39 -7.31 6.80
N PRO B 9 -4.44 -8.00 7.19
CA PRO B 9 -4.50 -9.48 7.07
C PRO B 9 -4.51 -9.93 5.61
N LEU B 10 -3.65 -10.89 5.28
CA LEU B 10 -3.56 -11.40 3.92
C LEU B 10 -4.89 -11.99 3.48
N ALA B 11 -5.78 -12.21 4.44
CA ALA B 11 -7.10 -12.76 4.13
C ALA B 11 -7.94 -11.71 3.42
N SER B 12 -7.60 -10.43 3.65
CA SER B 12 -8.34 -9.34 3.05
C SER B 12 -7.81 -8.99 1.66
N VAL B 13 -6.64 -9.53 1.32
CA VAL B 13 -6.03 -9.29 0.01
C VAL B 13 -5.41 -10.57 -0.53
N VAL B 14 -4.70 -10.43 -1.63
CA VAL B 14 -4.02 -11.57 -2.27
C VAL B 14 -2.66 -11.15 -2.79
N LEU B 15 -1.66 -11.94 -2.44
CA LEU B 15 -0.28 -11.68 -2.87
C LEU B 15 -0.04 -12.27 -4.26
N PRO B 16 0.76 -11.64 -5.08
CA PRO B 16 1.06 -12.15 -6.46
C PRO B 16 2.03 -13.33 -6.44
N SER B 17 2.32 -13.88 -7.61
CA SER B 17 3.24 -15.01 -7.71
C SER B 17 4.68 -14.52 -7.64
N ARG B 18 5.54 -15.35 -7.07
CA ARG B 18 6.96 -15.01 -6.94
C ARG B 18 7.75 -16.21 -6.42
N ALA B 19 8.98 -16.35 -6.90
CA ALA B 19 9.84 -17.46 -6.47
C ALA B 19 11.30 -17.14 -6.77
N GLU B 20 11.61 -16.90 -8.04
CA GLU B 20 12.97 -16.60 -8.43
C GLU B 20 13.92 -17.72 -8.03
N ARG B 21 13.95 -18.78 -8.84
CA ARG B 21 14.81 -19.92 -8.55
C ARG B 21 16.28 -19.52 -8.66
N ALA B 22 17.16 -20.51 -8.59
CA ALA B 22 18.60 -20.26 -8.68
C ALA B 22 19.02 -19.21 -7.66
N ARG B 23 20.33 -19.07 -7.47
CA ARG B 23 20.86 -18.10 -6.51
C ARG B 23 20.61 -16.68 -7.00
N SER B 24 19.48 -16.10 -6.60
CA SER B 24 19.14 -14.74 -6.99
C SER B 24 18.09 -14.15 -6.05
N THR B 25 18.54 -13.77 -4.86
CA THR B 25 17.64 -13.19 -3.88
C THR B 25 16.49 -14.15 -3.57
N ASP A 1 7.80 21.79 3.04
CA ASP A 1 8.60 20.55 3.18
C ASP A 1 7.87 19.56 4.08
N LYS A 2 7.55 20.01 5.29
CA LYS A 2 6.85 19.15 6.24
C LYS A 2 5.51 18.70 5.67
N ALA A 3 5.16 19.23 4.50
CA ALA A 3 3.91 18.89 3.85
C ALA A 3 3.89 17.40 3.49
N TYR A 4 4.97 16.94 2.86
CA TYR A 4 5.07 15.54 2.46
C TYR A 4 4.60 14.63 3.58
N LEU A 5 5.28 14.68 4.72
CA LEU A 5 4.93 13.86 5.86
C LEU A 5 3.42 13.87 6.09
N ASP A 6 2.83 15.06 6.09
CA ASP A 6 1.40 15.20 6.29
C ASP A 6 0.62 14.31 5.32
N GLU A 7 1.07 14.27 4.07
CA GLU A 7 0.40 13.46 3.06
C GLU A 7 0.44 11.98 3.45
N LEU A 8 1.43 11.61 4.26
CA LEU A 8 1.56 10.22 4.70
C LEU A 8 0.70 9.97 5.93
N VAL A 9 0.71 10.91 6.87
CA VAL A 9 -0.07 10.77 8.09
C VAL A 9 -1.55 10.58 7.78
N GLU A 10 -2.14 11.58 7.13
CA GLU A 10 -3.55 11.51 6.77
C GLU A 10 -3.85 10.18 6.10
N LEU A 11 -3.11 9.88 5.03
CA LEU A 11 -3.31 8.63 4.31
C LEU A 11 -3.28 7.45 5.29
N HIS A 12 -2.30 7.44 6.16
CA HIS A 12 -2.15 6.37 7.14
C HIS A 12 -3.39 6.28 8.03
N ARG A 13 -3.80 7.44 8.55
CA ARG A 13 -4.95 7.51 9.44
C ARG A 13 -6.19 6.87 8.81
N ARG A 14 -6.57 7.34 7.63
CA ARG A 14 -7.74 6.81 6.95
C ARG A 14 -7.55 5.35 6.54
N LEU A 15 -6.33 4.99 6.15
CA LEU A 15 -6.04 3.62 5.74
C LEU A 15 -6.33 2.65 6.88
N MET A 16 -5.89 3.01 8.07
CA MET A 16 -6.06 2.16 9.24
C MET A 16 -7.53 1.78 9.43
N THR A 17 -8.42 2.72 9.18
CA THR A 17 -9.85 2.46 9.33
C THR A 17 -10.46 1.98 8.02
N LEU A 18 -9.80 2.33 6.92
CA LEU A 18 -10.29 1.95 5.59
C LEU A 18 -10.55 0.45 5.50
N ARG A 19 -11.77 0.07 5.12
CA ARG A 19 -12.14 -1.33 4.98
C ARG A 19 -12.24 -1.71 3.50
N GLU A 20 -12.49 -0.69 2.67
CA GLU A 20 -12.61 -0.89 1.24
C GLU A 20 -11.58 -1.91 0.74
N ARG A 21 -12.03 -3.14 0.53
CA ARG A 21 -11.14 -4.21 0.06
C ARG A 21 -10.76 -4.02 -1.41
N HIS A 22 -11.67 -3.44 -2.18
CA HIS A 22 -11.42 -3.22 -3.61
C HIS A 22 -10.16 -2.38 -3.81
N ILE A 23 -9.95 -1.40 -2.95
CA ILE A 23 -8.78 -0.54 -3.05
C ILE A 23 -7.54 -1.21 -2.49
N LEU A 24 -7.65 -1.69 -1.27
CA LEU A 24 -6.53 -2.36 -0.61
C LEU A 24 -5.89 -3.36 -1.57
N GLN A 25 -6.67 -3.87 -2.51
CA GLN A 25 -6.14 -4.82 -3.48
C GLN A 25 -5.30 -4.10 -4.54
N GLN A 26 -5.83 -2.99 -5.04
CA GLN A 26 -5.13 -2.22 -6.07
C GLN A 26 -3.81 -1.67 -5.54
N ILE A 27 -3.87 -1.02 -4.37
CA ILE A 27 -2.67 -0.45 -3.77
C ILE A 27 -1.61 -1.52 -3.56
N VAL A 28 -1.95 -2.54 -2.78
CA VAL A 28 -1.01 -3.61 -2.49
C VAL A 28 -0.24 -4.01 -3.75
N ASN A 29 -0.96 -4.49 -4.75
CA ASN A 29 -0.34 -4.90 -6.01
C ASN A 29 0.55 -3.80 -6.57
N LEU A 30 0.27 -2.55 -6.19
CA LEU A 30 1.06 -1.41 -6.70
C LEU A 30 2.44 -1.39 -6.06
N ILE A 31 2.47 -1.23 -4.74
CA ILE A 31 3.73 -1.19 -4.03
C ILE A 31 4.42 -2.55 -4.09
N GLU A 32 3.60 -3.59 -4.00
CA GLU A 32 4.12 -4.95 -4.05
C GLU A 32 4.94 -5.09 -5.33
N GLU A 33 4.35 -4.63 -6.43
CA GLU A 33 5.00 -4.69 -7.73
C GLU A 33 6.24 -3.78 -7.73
N THR A 34 6.18 -2.71 -6.94
CA THR A 34 7.28 -1.75 -6.87
C THR A 34 8.50 -2.36 -6.17
N GLY A 35 8.28 -2.94 -4.98
CA GLY A 35 9.36 -3.55 -4.22
C GLY A 35 9.43 -2.97 -2.81
N HIS A 36 8.93 -1.76 -2.64
CA HIS A 36 8.94 -1.10 -1.35
C HIS A 36 7.92 -1.71 -0.39
N PHE A 37 8.00 -3.02 -0.17
CA PHE A 37 7.06 -3.71 0.72
C PHE A 37 7.74 -4.87 1.42
N HIS A 38 7.18 -5.28 2.56
CA HIS A 38 7.70 -6.40 3.33
C HIS A 38 6.54 -7.30 3.78
N ILE A 39 6.81 -8.60 3.86
CA ILE A 39 5.81 -9.58 4.29
C ILE A 39 6.45 -10.61 5.21
N THR A 40 5.79 -10.89 6.33
CA THR A 40 6.31 -11.85 7.30
C THR A 40 5.17 -12.67 7.91
N ASN A 41 5.51 -13.79 8.53
CA ASN A 41 4.51 -14.66 9.16
C ASN A 41 3.26 -14.75 8.29
N THR A 42 2.27 -13.93 8.62
CA THR A 42 1.02 -13.90 7.85
C THR A 42 0.38 -12.52 7.92
N THR A 43 0.92 -11.60 7.14
CA THR A 43 0.40 -10.23 7.09
C THR A 43 1.09 -9.44 5.99
N PHE A 44 0.53 -8.29 5.65
CA PHE A 44 1.08 -7.43 4.60
C PHE A 44 1.33 -6.04 5.16
N ASP A 45 2.58 -5.75 5.51
CA ASP A 45 2.95 -4.45 6.08
C ASP A 45 3.69 -3.59 5.06
N PHE A 46 3.42 -2.29 5.08
CA PHE A 46 4.08 -1.35 4.18
C PHE A 46 4.10 0.04 4.79
N ASP A 47 5.13 0.83 4.49
CA ASP A 47 5.23 2.19 5.01
C ASP A 47 4.78 3.19 3.97
N LEU A 48 4.16 4.28 4.41
CA LEU A 48 3.68 5.31 3.49
C LEU A 48 4.84 6.20 3.05
N CYS A 49 5.96 6.09 3.77
CA CYS A 49 7.14 6.89 3.46
C CYS A 49 8.02 6.19 2.44
N SER A 50 7.75 4.91 2.22
CA SER A 50 8.53 4.14 1.25
C SER A 50 7.88 4.23 -0.14
N LEU A 51 6.94 5.16 -0.29
CA LEU A 51 6.25 5.36 -1.55
C LEU A 51 7.10 6.22 -2.49
N ASP A 52 7.10 5.88 -3.77
CA ASP A 52 7.86 6.64 -4.75
C ASP A 52 7.06 7.85 -5.22
N LYS A 53 7.76 8.95 -5.47
CA LYS A 53 7.10 10.18 -5.91
C LYS A 53 5.99 9.86 -6.92
N THR A 54 6.34 9.15 -7.98
CA THR A 54 5.37 8.79 -9.00
C THR A 54 4.32 7.84 -8.42
N THR A 55 4.71 7.10 -7.38
CA THR A 55 3.81 6.16 -6.73
C THR A 55 2.93 6.87 -5.71
N VAL A 56 3.40 8.02 -5.24
CA VAL A 56 2.63 8.79 -4.27
C VAL A 56 1.36 9.34 -4.92
N ARG A 57 1.51 9.86 -6.13
CA ARG A 57 0.39 10.41 -6.87
C ARG A 57 -0.59 9.30 -7.23
N LYS A 58 -0.06 8.10 -7.40
CA LYS A 58 -0.90 6.96 -7.75
C LYS A 58 -1.60 6.43 -6.49
N LEU A 59 -0.93 6.58 -5.35
CA LEU A 59 -1.48 6.12 -4.08
C LEU A 59 -2.68 6.98 -3.69
N GLN A 60 -2.42 8.26 -3.44
CA GLN A 60 -3.48 9.18 -3.05
C GLN A 60 -4.65 9.09 -4.03
N SER A 61 -4.35 8.72 -5.27
CA SER A 61 -5.38 8.60 -6.30
C SER A 61 -6.30 7.41 -6.00
N TYR A 62 -5.73 6.23 -5.86
CA TYR A 62 -6.53 5.04 -5.58
C TYR A 62 -7.56 5.32 -4.49
N LEU A 63 -7.08 5.74 -3.32
CA LEU A 63 -7.97 6.03 -2.21
C LEU A 63 -9.11 6.96 -2.65
N GLU A 64 -8.75 8.05 -3.32
CA GLU A 64 -9.75 9.00 -3.80
C GLU A 64 -10.76 8.32 -4.70
N THR A 65 -10.28 7.80 -5.81
CA THR A 65 -11.14 7.12 -6.77
C THR A 65 -12.09 6.17 -6.07
N SER A 66 -13.30 6.03 -6.61
CA SER A 66 -14.30 5.15 -6.02
C SER A 66 -14.38 5.37 -4.52
N GLY A 67 -14.55 6.64 -4.13
CA GLY A 67 -14.64 6.98 -2.71
C GLY A 67 -16.03 6.64 -2.16
N THR A 68 -17.05 6.83 -2.99
CA THR A 68 -18.42 6.53 -2.59
C THR A 68 -18.57 5.07 -2.23
N SER A 69 -19.54 4.76 -1.38
CA SER A 69 -19.78 3.38 -0.96
C SER A 69 -20.13 2.51 -2.17
N THR B 1 7.25 8.37 14.76
CA THR B 1 8.49 7.99 14.04
C THR B 1 8.35 8.36 12.56
N ASN B 2 9.48 8.48 11.87
CA ASN B 2 9.47 8.83 10.46
C ASN B 2 8.99 7.64 9.61
N LYS B 3 8.02 6.92 10.14
CA LYS B 3 7.47 5.75 9.45
C LYS B 3 5.99 5.60 9.81
N LEU B 4 5.26 4.92 8.94
CA LEU B 4 3.84 4.69 9.13
C LEU B 4 3.49 3.27 8.66
N PRO B 5 3.59 2.28 9.49
CA PRO B 5 3.30 0.88 9.09
C PRO B 5 1.80 0.55 9.04
N VAL B 6 1.39 -0.21 8.03
CA VAL B 6 0.00 -0.64 7.87
C VAL B 6 -0.06 -2.12 7.53
N SER B 7 -0.46 -2.92 8.50
CA SER B 7 -0.57 -4.36 8.30
C SER B 7 -1.98 -4.74 7.84
N ILE B 8 -2.07 -5.52 6.77
CA ILE B 8 -3.36 -5.95 6.24
C ILE B 8 -3.41 -7.49 6.18
N PRO B 9 -4.25 -8.15 6.95
CA PRO B 9 -4.34 -9.64 6.92
C PRO B 9 -4.33 -10.19 5.49
N LEU B 10 -3.47 -11.17 5.25
CA LEU B 10 -3.37 -11.77 3.92
C LEU B 10 -4.71 -12.38 3.50
N ALA B 11 -5.61 -12.52 4.45
CA ALA B 11 -6.93 -13.07 4.17
C ALA B 11 -7.80 -11.99 3.52
N SER B 12 -7.45 -10.73 3.75
CA SER B 12 -8.21 -9.61 3.20
C SER B 12 -7.73 -9.23 1.80
N VAL B 13 -6.55 -9.73 1.42
CA VAL B 13 -5.98 -9.44 0.11
C VAL B 13 -5.34 -10.70 -0.46
N VAL B 14 -4.60 -10.52 -1.55
CA VAL B 14 -3.90 -11.62 -2.22
C VAL B 14 -2.54 -11.17 -2.70
N LEU B 15 -1.53 -11.96 -2.37
CA LEU B 15 -0.16 -11.66 -2.75
C LEU B 15 0.16 -12.25 -4.14
N PRO B 16 0.38 -11.43 -5.15
CA PRO B 16 0.69 -11.95 -6.52
C PRO B 16 1.68 -13.12 -6.48
N SER B 17 1.22 -14.29 -6.89
CA SER B 17 2.05 -15.49 -6.89
C SER B 17 3.36 -15.22 -7.64
N ARG B 18 3.36 -14.14 -8.44
CA ARG B 18 4.55 -13.79 -9.21
C ARG B 18 5.58 -13.10 -8.32
N ALA B 19 6.12 -13.85 -7.36
CA ALA B 19 7.12 -13.30 -6.44
C ALA B 19 8.49 -13.28 -7.10
N GLU B 20 9.19 -14.40 -7.01
CA GLU B 20 10.53 -14.50 -7.60
C GLU B 20 11.01 -15.95 -7.58
N ARG B 21 10.60 -16.69 -6.55
CA ARG B 21 11.00 -18.08 -6.42
C ARG B 21 10.80 -18.83 -7.73
N ALA B 22 11.78 -19.64 -8.10
CA ALA B 22 11.71 -20.41 -9.35
C ALA B 22 11.30 -19.50 -10.50
N ARG B 23 11.12 -20.10 -11.68
CA ARG B 23 10.74 -19.33 -12.86
C ARG B 23 11.61 -18.09 -13.01
N SER B 24 12.80 -18.27 -13.55
CA SER B 24 13.72 -17.16 -13.75
C SER B 24 13.13 -16.14 -14.72
N THR B 25 12.48 -15.13 -14.18
CA THR B 25 11.88 -14.09 -15.02
C THR B 25 12.95 -13.29 -15.75
#